data_1SRY
#
_entry.id   1SRY
#
_cell.length_a   87.030
_cell.length_b   127.460
_cell.length_c   63.370
_cell.angle_alpha   90.00
_cell.angle_beta   108.90
_cell.angle_gamma   90.00
#
_symmetry.space_group_name_H-M   'P 1 21 1'
#
loop_
_entity.id
_entity.type
_entity.pdbx_description
1 polymer 'SERYL-tRNA SYNTHETASE'
2 water water
#
_entity_poly.entity_id   1
_entity_poly.type   'polypeptide(L)'
_entity_poly.pdbx_seq_one_letter_code
;MVDLKRLRQEPEVFHRAIREKGVALDLEALLALDREVQELKKRLQEVQTERNQVAKRVPKAPPEEKEALIARGKALGEEA
KRLEEALREKEARLEALLLQVPLPPWPGAPVGGEEANREIKRVGGPPEFSFPPLDHVALMEKNGWWEPRISQVSGSRSYA
LKGDLALYELALLRFAMDFMARRGFLPMTLPSYAREKAFLGTGHFPAYRDQVWAIAETDLYLTGTAEVVLNALHSGEILP
YEALPLRYAGYAPAFRSEAGSFGKDVRGLMRVHQFHKVEQYVLTEASLEASDRAFQELLENAEEILRLLELPYRLVEVAT
GDMGPGKWRQVDIEVYLPSEGRYRETHSCSALLDWQARRANLRYRDPEGRVRYAYTLNNTALATPRILAMLLENHQLQDG
RVRVPQALIPYMGKEVLEPCG
;
_entity_poly.pdbx_strand_id   A,B
#
# COMPACT_ATOMS: atom_id res chain seq x y z
N MET A 1 -16.38 10.28 19.62
CA MET A 1 -17.56 11.02 20.11
C MET A 1 -18.23 10.41 21.35
N VAL A 2 -18.47 11.32 22.27
CA VAL A 2 -19.21 11.04 23.51
C VAL A 2 -20.65 11.58 23.36
N ASP A 3 -21.56 10.91 24.08
CA ASP A 3 -22.92 11.42 24.40
C ASP A 3 -22.93 12.78 25.14
N LEU A 4 -23.25 13.87 24.43
CA LEU A 4 -23.47 15.24 25.00
C LEU A 4 -24.41 15.38 26.22
N LYS A 5 -25.48 14.60 26.27
CA LYS A 5 -26.29 14.42 27.49
C LYS A 5 -25.39 14.03 28.68
N ARG A 6 -24.75 12.85 28.66
CA ARG A 6 -23.82 12.42 29.73
C ARG A 6 -22.75 13.49 30.03
N LEU A 7 -22.31 14.15 28.96
CA LEU A 7 -21.32 15.23 29.06
C LEU A 7 -21.86 16.37 29.91
N ARG A 8 -23.00 16.91 29.51
CA ARG A 8 -23.77 17.96 30.25
C ARG A 8 -24.11 17.62 31.71
N GLN A 9 -24.42 16.36 32.00
CA GLN A 9 -24.83 15.97 33.37
C GLN A 9 -23.73 15.40 34.28
N GLU A 10 -22.52 15.26 33.76
CA GLU A 10 -21.38 14.72 34.53
C GLU A 10 -20.00 15.30 34.17
N PRO A 11 -19.83 16.63 33.97
CA PRO A 11 -18.56 17.18 33.45
C PRO A 11 -17.37 16.91 34.37
N GLU A 12 -17.63 16.74 35.66
CA GLU A 12 -16.73 16.17 36.69
C GLU A 12 -15.84 15.06 36.06
N VAL A 13 -16.54 14.07 35.52
CA VAL A 13 -15.99 12.86 34.87
C VAL A 13 -15.10 13.23 33.68
N PHE A 14 -15.64 14.02 32.77
CA PHE A 14 -14.91 14.44 31.56
C PHE A 14 -13.70 15.34 31.81
N HIS A 15 -13.75 16.11 32.89
CA HIS A 15 -12.64 16.99 33.30
C HIS A 15 -11.46 16.17 33.84
N ARG A 16 -11.77 15.29 34.81
CA ARG A 16 -10.85 14.28 35.38
C ARG A 16 -10.12 13.49 34.27
N ALA A 17 -10.91 12.97 33.31
CA ALA A 17 -10.45 12.26 32.09
C ALA A 17 -9.68 13.14 31.08
N ILE A 18 -10.03 14.41 30.90
CA ILE A 18 -9.20 15.35 30.11
C ILE A 18 -7.77 15.44 30.68
N ARG A 19 -7.66 15.71 31.98
CA ARG A 19 -6.32 15.81 32.57
C ARG A 19 -5.59 14.48 32.80
N GLU A 20 -6.31 13.46 33.27
CA GLU A 20 -5.74 12.09 33.37
C GLU A 20 -5.15 11.53 32.07
N LYS A 21 -5.70 11.95 30.94
CA LYS A 21 -5.23 11.51 29.63
C LYS A 21 -4.37 12.55 28.91
N GLY A 22 -4.13 13.69 29.56
CA GLY A 22 -3.27 14.77 29.01
C GLY A 22 -3.83 15.34 27.70
N VAL A 23 -5.13 15.60 27.75
CA VAL A 23 -5.87 16.15 26.61
C VAL A 23 -5.87 17.66 26.70
N ALA A 24 -5.29 18.20 25.64
CA ALA A 24 -5.28 19.64 25.35
C ALA A 24 -6.71 20.12 24.94
N LEU A 25 -7.60 20.19 25.95
CA LEU A 25 -9.02 20.60 25.78
C LEU A 25 -9.60 21.31 27.03
N ASP A 26 -9.92 22.58 26.81
CA ASP A 26 -10.62 23.42 27.81
C ASP A 26 -12.11 23.05 27.81
N LEU A 27 -12.51 22.32 28.85
CA LEU A 27 -13.93 21.89 28.97
C LEU A 27 -14.96 23.00 29.22
N GLU A 28 -14.57 24.07 29.91
CA GLU A 28 -15.44 25.23 30.14
C GLU A 28 -15.86 25.87 28.81
N ALA A 29 -14.90 26.20 27.97
CA ALA A 29 -15.20 26.76 26.63
C ALA A 29 -16.18 25.91 25.78
N LEU A 30 -16.05 24.59 25.86
CA LEU A 30 -16.92 23.61 25.17
C LEU A 30 -18.35 23.68 25.71
N LEU A 31 -18.48 23.59 27.03
CA LEU A 31 -19.78 23.69 27.72
C LEU A 31 -20.47 25.05 27.54
N ALA A 32 -19.65 26.09 27.40
CA ALA A 32 -20.12 27.46 27.06
C ALA A 32 -20.78 27.47 25.69
N LEU A 33 -20.04 27.01 24.68
CA LEU A 33 -20.51 26.99 23.27
C LEU A 33 -21.79 26.14 23.06
N ASP A 34 -21.85 25.03 23.78
CA ASP A 34 -23.03 24.15 23.87
C ASP A 34 -24.31 24.90 24.32
N ARG A 35 -24.26 25.58 25.47
CA ARG A 35 -25.36 26.46 25.99
C ARG A 35 -25.76 27.59 25.02
N GLU A 36 -24.76 28.32 24.50
CA GLU A 36 -25.00 29.37 23.47
C GLU A 36 -25.80 28.84 22.28
N VAL A 37 -25.31 27.73 21.74
CA VAL A 37 -25.97 27.01 20.63
C VAL A 37 -27.37 26.53 21.02
N GLN A 38 -27.57 25.97 22.21
CA GLN A 38 -28.94 25.56 22.60
C GLN A 38 -29.93 26.74 22.75
N GLU A 39 -29.46 27.85 23.33
CA GLU A 39 -30.28 29.06 23.57
C GLU A 39 -30.66 29.75 22.25
N LEU A 40 -29.67 29.87 21.38
CA LEU A 40 -29.88 30.33 19.98
C LEU A 40 -30.98 29.55 19.25
N LYS A 41 -30.96 28.22 19.36
CA LYS A 41 -31.96 27.33 18.71
C LYS A 41 -33.37 27.53 19.27
N LYS A 42 -33.44 27.58 20.60
CA LYS A 42 -34.67 27.92 21.35
C LYS A 42 -35.28 29.24 20.83
N ARG A 43 -34.44 30.29 20.88
CA ARG A 43 -34.78 31.64 20.40
C ARG A 43 -35.25 31.65 18.94
N LEU A 44 -34.44 31.08 18.04
CA LEU A 44 -34.75 31.00 16.60
C LEU A 44 -36.10 30.32 16.34
N GLN A 45 -36.44 29.34 17.17
CA GLN A 45 -37.80 28.76 17.17
C GLN A 45 -38.93 29.70 17.65
N GLU A 46 -38.70 30.41 18.77
CA GLU A 46 -39.60 31.48 19.26
C GLU A 46 -39.89 32.59 18.21
N VAL A 47 -38.84 33.10 17.54
CA VAL A 47 -38.96 34.07 16.42
C VAL A 47 -39.81 33.46 15.30
N GLN A 48 -39.41 32.30 14.74
CA GLN A 48 -40.16 31.61 13.65
C GLN A 48 -41.65 31.44 13.98
N THR A 49 -41.93 30.95 15.20
CA THR A 49 -43.30 30.92 15.78
C THR A 49 -44.04 32.27 15.65
N GLU A 50 -43.52 33.31 16.31
CA GLU A 50 -44.21 34.61 16.30
C GLU A 50 -44.25 35.23 14.89
N ARG A 51 -43.14 35.13 14.17
CA ARG A 51 -42.99 35.68 12.81
C ARG A 51 -44.18 35.24 11.94
N ASN A 52 -44.46 33.92 11.95
CA ASN A 52 -45.64 33.38 11.23
C ASN A 52 -46.97 33.79 11.89
N GLN A 53 -47.11 33.51 13.19
CA GLN A 53 -48.29 33.93 13.99
C GLN A 53 -48.79 35.33 13.61
N VAL A 54 -47.88 36.31 13.68
CA VAL A 54 -48.06 37.73 13.27
C VAL A 54 -48.83 37.87 11.95
N ALA A 55 -48.35 37.22 10.88
CA ALA A 55 -48.95 37.37 9.53
C ALA A 55 -50.42 36.93 9.45
N LYS A 56 -50.77 35.87 10.17
CA LYS A 56 -52.17 35.41 10.28
C LYS A 56 -53.14 36.52 10.75
N ARG A 57 -52.61 37.37 11.63
CA ARG A 57 -53.33 38.58 12.12
C ARG A 57 -53.22 39.83 11.22
N VAL A 58 -52.25 39.85 10.28
CA VAL A 58 -51.94 41.07 9.49
C VAL A 58 -52.93 41.33 8.32
N PRO A 59 -53.29 40.29 7.51
CA PRO A 59 -54.57 40.21 6.77
C PRO A 59 -55.82 40.78 7.46
N LYS A 60 -56.02 40.43 8.72
CA LYS A 60 -57.29 40.68 9.45
C LYS A 60 -57.31 41.96 10.34
N ALA A 61 -56.40 42.90 10.04
CA ALA A 61 -55.96 43.93 11.01
C ALA A 61 -56.48 45.35 10.73
N PRO A 62 -57.01 46.02 11.78
CA PRO A 62 -57.49 47.42 11.67
C PRO A 62 -56.29 48.34 11.38
N PRO A 63 -56.39 49.24 10.40
CA PRO A 63 -55.21 49.99 9.88
C PRO A 63 -54.37 50.58 11.03
N GLU A 64 -55.16 51.17 11.95
CA GLU A 64 -54.86 51.49 13.37
C GLU A 64 -53.58 50.79 13.90
N GLU A 65 -53.70 49.46 13.99
CA GLU A 65 -52.62 48.54 14.40
C GLU A 65 -52.32 47.54 13.27
N LYS A 66 -52.04 48.08 12.10
CA LYS A 66 -51.27 47.29 11.11
C LYS A 66 -49.81 47.76 11.09
N GLU A 67 -49.58 49.05 11.40
CA GLU A 67 -48.27 49.63 11.77
C GLU A 67 -47.51 48.80 12.83
N ALA A 68 -48.17 48.55 13.96
CA ALA A 68 -47.67 47.67 15.04
C ALA A 68 -47.14 46.30 14.58
N LEU A 69 -47.84 45.70 13.60
CA LEU A 69 -47.58 44.34 13.07
C LEU A 69 -46.46 44.27 12.01
N ILE A 70 -46.48 45.18 11.03
CA ILE A 70 -45.33 45.38 10.12
C ILE A 70 -44.03 45.64 10.91
N ALA A 71 -44.16 46.54 11.89
CA ALA A 71 -43.04 46.94 12.75
C ALA A 71 -42.41 45.71 13.44
N ARG A 72 -43.26 45.00 14.18
CA ARG A 72 -42.87 43.81 14.94
C ARG A 72 -42.37 42.66 14.03
N GLY A 73 -43.07 42.46 12.91
CA GLY A 73 -42.72 41.43 11.90
C GLY A 73 -41.36 41.65 11.22
N LYS A 74 -41.04 42.91 10.92
CA LYS A 74 -39.77 43.27 10.27
C LYS A 74 -38.58 43.11 11.20
N ALA A 75 -38.77 43.49 12.47
CA ALA A 75 -37.78 43.35 13.58
C ALA A 75 -37.41 41.88 13.86
N LEU A 76 -38.45 41.05 13.88
CA LEU A 76 -38.42 39.57 13.94
C LEU A 76 -37.64 38.94 12.78
N GLY A 77 -37.82 39.51 11.59
CA GLY A 77 -37.15 39.07 10.33
C GLY A 77 -35.61 39.24 10.36
N GLU A 78 -35.25 40.50 10.52
CA GLU A 78 -33.88 40.96 10.80
C GLU A 78 -33.16 40.15 11.91
N GLU A 79 -33.92 39.75 12.94
CA GLU A 79 -33.39 38.93 14.05
C GLU A 79 -33.22 37.45 13.65
N ALA A 80 -34.21 36.86 12.97
CA ALA A 80 -34.10 35.48 12.43
C ALA A 80 -32.79 35.22 11.66
N LYS A 81 -32.42 36.20 10.85
CA LYS A 81 -31.13 36.20 10.11
C LYS A 81 -29.91 36.12 11.03
N ARG A 82 -29.76 37.06 11.95
CA ARG A 82 -28.66 37.08 12.93
C ARG A 82 -28.54 35.78 13.75
N LEU A 83 -29.69 35.18 14.04
CA LEU A 83 -29.76 33.87 14.72
C LEU A 83 -29.31 32.70 13.83
N GLU A 84 -29.83 32.64 12.60
CA GLU A 84 -29.42 31.66 11.55
C GLU A 84 -27.89 31.67 11.28
N GLU A 85 -27.35 32.85 11.07
CA GLU A 85 -25.91 33.14 10.88
C GLU A 85 -25.00 32.78 12.08
N ALA A 86 -25.39 33.16 13.29
CA ALA A 86 -24.60 32.90 14.52
C ALA A 86 -24.52 31.40 14.87
N LEU A 87 -25.69 30.77 14.72
CA LEU A 87 -25.90 29.32 14.82
C LEU A 87 -25.09 28.52 13.77
N ARG A 88 -24.99 29.04 12.53
CA ARG A 88 -23.96 28.58 11.55
C ARG A 88 -22.56 28.52 12.21
N GLU A 89 -21.99 29.68 12.56
CA GLU A 89 -20.59 29.79 13.09
C GLU A 89 -20.28 28.89 14.30
N LYS A 90 -21.24 28.84 15.20
CA LYS A 90 -21.05 28.18 16.50
C LYS A 90 -21.25 26.66 16.47
N GLU A 91 -22.29 26.23 15.76
CA GLU A 91 -22.66 24.82 15.67
C GLU A 91 -21.56 24.02 14.96
N ALA A 92 -21.00 24.64 13.91
CA ALA A 92 -19.78 24.18 13.19
C ALA A 92 -18.60 23.95 14.13
N ARG A 93 -18.25 25.00 14.86
CA ARG A 93 -17.14 25.03 15.84
C ARG A 93 -17.31 24.05 17.04
N LEU A 94 -18.52 23.93 17.58
CA LEU A 94 -18.85 22.95 18.63
C LEU A 94 -18.59 21.50 18.17
N GLU A 95 -18.95 21.19 16.93
CA GLU A 95 -18.64 19.90 16.26
C GLU A 95 -17.14 19.56 16.30
N ALA A 96 -16.33 20.53 15.86
CA ALA A 96 -14.85 20.43 15.80
C ALA A 96 -14.19 20.02 17.12
N LEU A 97 -14.79 20.50 18.22
CA LEU A 97 -14.29 20.12 19.54
C LEU A 97 -15.11 19.09 20.32
N LEU A 98 -16.16 18.60 19.72
CA LEU A 98 -16.79 17.36 20.21
C LEU A 98 -15.93 16.14 19.84
N LEU A 99 -15.30 16.23 18.67
CA LEU A 99 -14.32 15.28 18.11
C LEU A 99 -13.01 15.10 18.93
N GLN A 100 -12.70 16.05 19.80
CA GLN A 100 -11.54 15.99 20.72
C GLN A 100 -11.84 15.45 22.12
N VAL A 101 -13.12 15.31 22.46
CA VAL A 101 -13.53 14.96 23.82
C VAL A 101 -13.19 13.46 24.02
N PRO A 102 -12.42 13.19 25.08
CA PRO A 102 -12.03 11.81 25.44
C PRO A 102 -13.06 11.00 26.24
N LEU A 103 -12.98 9.70 26.00
CA LEU A 103 -13.72 8.72 26.80
C LEU A 103 -12.98 8.58 28.16
N PRO A 104 -13.72 8.42 29.25
CA PRO A 104 -13.12 8.19 30.58
C PRO A 104 -12.41 6.84 30.62
N PRO A 105 -11.27 6.73 31.33
CA PRO A 105 -10.60 5.43 31.49
C PRO A 105 -11.35 4.53 32.47
N TRP A 106 -11.18 3.23 32.28
CA TRP A 106 -11.68 2.24 33.24
C TRP A 106 -11.06 2.55 34.61
N PRO A 107 -11.77 2.29 35.72
CA PRO A 107 -11.30 2.68 37.04
C PRO A 107 -9.87 2.20 37.36
N GLY A 108 -9.61 0.93 37.07
CA GLY A 108 -8.33 0.21 37.35
C GLY A 108 -7.07 0.54 36.51
N ALA A 109 -7.16 1.46 35.57
CA ALA A 109 -6.03 1.83 34.72
C ALA A 109 -5.11 2.70 35.56
N PRO A 110 -3.80 2.46 35.51
CA PRO A 110 -2.84 3.30 36.22
C PRO A 110 -2.92 4.72 35.66
N VAL A 111 -2.92 5.68 36.56
CA VAL A 111 -2.87 7.10 36.17
C VAL A 111 -1.41 7.50 35.92
N GLY A 112 -1.19 8.23 34.85
CA GLY A 112 0.13 8.77 34.51
C GLY A 112 0.51 8.37 33.10
N GLY A 113 1.73 8.73 32.72
CA GLY A 113 2.22 8.48 31.35
C GLY A 113 2.66 7.02 31.24
N GLU A 114 3.42 6.77 30.18
CA GLU A 114 4.09 5.50 29.81
C GLU A 114 4.90 4.85 30.95
N GLU A 115 5.44 5.70 31.82
CA GLU A 115 6.08 5.27 33.08
C GLU A 115 5.17 4.55 34.08
N ALA A 116 3.88 4.91 34.11
CA ALA A 116 2.90 4.35 35.07
C ALA A 116 2.32 2.97 34.67
N ASN A 117 2.66 2.53 33.45
CA ASN A 117 2.25 1.21 32.92
C ASN A 117 2.77 0.10 33.83
N ARG A 118 1.92 -0.89 34.01
CA ARG A 118 2.06 -1.89 35.07
C ARG A 118 2.07 -3.29 34.46
N GLU A 119 3.13 -4.04 34.68
CA GLU A 119 3.14 -5.47 34.36
C GLU A 119 2.08 -6.21 35.18
N ILE A 120 1.18 -6.84 34.44
CA ILE A 120 0.17 -7.75 35.02
C ILE A 120 0.83 -9.09 35.37
N LYS A 121 1.60 -9.62 34.43
CA LYS A 121 1.96 -11.06 34.42
C LYS A 121 3.01 -11.33 33.32
N ARG A 122 3.94 -12.27 33.54
CA ARG A 122 4.86 -12.72 32.49
C ARG A 122 4.85 -14.23 32.33
N VAL A 123 4.83 -14.63 31.08
CA VAL A 123 4.68 -16.05 30.69
C VAL A 123 5.89 -16.48 29.87
N GLY A 124 6.55 -17.44 30.50
CA GLY A 124 7.73 -18.12 29.95
C GLY A 124 9.02 -17.34 30.22
N GLY A 125 10.07 -18.08 29.94
CA GLY A 125 11.42 -17.65 30.32
C GLY A 125 12.19 -17.08 29.12
N PRO A 126 13.14 -16.17 29.38
CA PRO A 126 14.17 -15.83 28.38
C PRO A 126 14.95 -17.11 27.99
N PRO A 127 15.36 -17.22 26.73
CA PRO A 127 16.15 -18.39 26.28
C PRO A 127 17.57 -18.46 26.88
N GLU A 128 18.02 -19.70 27.03
CA GLU A 128 19.34 -20.00 27.59
C GLU A 128 20.27 -20.44 26.48
N PHE A 129 21.29 -19.64 26.27
CA PHE A 129 22.17 -19.90 25.11
C PHE A 129 23.50 -20.51 25.51
N SER A 130 23.84 -21.60 24.81
CA SER A 130 25.14 -22.26 24.98
C SER A 130 26.26 -21.56 24.20
N PHE A 131 25.99 -20.33 23.81
CA PHE A 131 26.85 -19.56 22.89
C PHE A 131 26.41 -18.09 22.95
N PRO A 132 27.22 -17.16 22.44
CA PRO A 132 26.82 -15.75 22.36
C PRO A 132 25.70 -15.54 21.31
N PRO A 133 24.52 -15.07 21.74
CA PRO A 133 23.39 -14.79 20.83
C PRO A 133 23.66 -13.59 19.92
N LEU A 134 23.31 -13.76 18.65
CA LEU A 134 23.39 -12.64 17.72
C LEU A 134 22.04 -11.91 17.78
N ASP A 135 22.10 -10.63 17.50
CA ASP A 135 20.86 -9.87 17.28
C ASP A 135 20.23 -10.18 15.92
N HIS A 136 19.01 -9.76 15.67
CA HIS A 136 18.28 -10.11 14.42
C HIS A 136 18.96 -9.59 13.14
N VAL A 137 19.53 -8.38 13.19
CA VAL A 137 20.33 -7.82 12.07
C VAL A 137 21.53 -8.70 11.68
N ALA A 138 22.33 -9.10 12.68
CA ALA A 138 23.50 -9.96 12.49
C ALA A 138 23.12 -11.34 11.92
N LEU A 139 22.01 -11.93 12.37
CA LEU A 139 21.48 -13.20 11.80
C LEU A 139 21.02 -13.07 10.34
N MET A 140 20.39 -11.97 9.98
CA MET A 140 19.98 -11.74 8.58
C MET A 140 21.17 -11.43 7.69
N GLU A 141 22.08 -10.60 8.20
CA GLU A 141 23.37 -10.28 7.55
C GLU A 141 24.24 -11.53 7.30
N LYS A 142 24.36 -12.40 8.30
CA LYS A 142 25.11 -13.66 8.18
C LYS A 142 24.49 -14.58 7.12
N ASN A 143 23.18 -14.77 7.18
CA ASN A 143 22.51 -15.78 6.33
C ASN A 143 22.01 -15.31 4.95
N GLY A 144 22.32 -14.07 4.61
CA GLY A 144 21.80 -13.40 3.39
C GLY A 144 20.26 -13.38 3.31
N TRP A 145 19.58 -13.01 4.40
CA TRP A 145 18.11 -13.03 4.51
C TRP A 145 17.42 -11.68 4.35
N TRP A 146 18.17 -10.67 3.97
CA TRP A 146 17.60 -9.35 3.72
C TRP A 146 18.39 -8.62 2.64
N GLU A 147 17.71 -7.73 1.94
CA GLU A 147 18.30 -6.94 0.85
C GLU A 147 18.57 -5.47 1.23
N PRO A 148 19.82 -5.23 1.68
CA PRO A 148 20.28 -3.91 2.12
C PRO A 148 20.20 -2.88 1.00
N ARG A 149 20.31 -3.27 -0.27
CA ARG A 149 20.21 -2.29 -1.38
C ARG A 149 18.85 -1.55 -1.48
N ILE A 150 17.80 -2.08 -0.83
CA ILE A 150 16.46 -1.48 -0.82
C ILE A 150 16.39 0.01 -0.39
N SER A 151 17.35 0.38 0.47
CA SER A 151 17.59 1.76 0.94
C SER A 151 17.84 2.78 -0.17
N GLN A 152 18.47 2.37 -1.26
CA GLN A 152 18.68 3.27 -2.42
C GLN A 152 17.43 3.44 -3.31
N VAL A 153 16.62 2.38 -3.33
CA VAL A 153 15.43 2.31 -4.20
C VAL A 153 14.29 3.07 -3.53
N SER A 154 14.10 2.79 -2.23
CA SER A 154 12.92 3.19 -1.44
C SER A 154 13.19 4.10 -0.21
N GLY A 155 14.40 4.63 -0.10
CA GLY A 155 14.86 5.31 1.12
C GLY A 155 14.86 4.39 2.33
N SER A 156 15.14 5.06 3.43
CA SER A 156 15.20 4.41 4.75
C SER A 156 13.78 4.07 5.29
N ARG A 157 13.83 3.21 6.30
CA ARG A 157 12.71 2.54 6.99
C ARG A 157 11.91 1.67 6.00
N SER A 158 12.68 1.08 5.09
CA SER A 158 12.31 0.03 4.13
C SER A 158 12.97 -1.30 4.51
N TYR A 159 12.33 -2.43 4.22
CA TYR A 159 13.01 -3.73 4.27
C TYR A 159 12.65 -4.53 3.02
N ALA A 160 13.51 -5.45 2.61
CA ALA A 160 13.22 -6.44 1.55
C ALA A 160 13.84 -7.75 2.02
N LEU A 161 13.09 -8.83 2.05
CA LEU A 161 13.51 -10.12 2.63
C LEU A 161 13.81 -11.10 1.51
N LYS A 162 14.67 -12.08 1.77
CA LYS A 162 15.18 -12.98 0.72
C LYS A 162 15.13 -14.41 1.21
N GLY A 163 14.93 -15.29 0.27
CA GLY A 163 15.11 -16.73 0.53
C GLY A 163 14.07 -17.24 1.51
N ASP A 164 14.55 -18.01 2.48
CA ASP A 164 13.72 -18.67 3.49
C ASP A 164 13.00 -17.72 4.43
N LEU A 165 13.55 -16.53 4.64
CA LEU A 165 12.88 -15.53 5.48
C LEU A 165 11.69 -14.84 4.76
N ALA A 166 11.80 -14.62 3.45
CA ALA A 166 10.72 -14.09 2.58
C ALA A 166 9.52 -15.04 2.63
N LEU A 167 9.74 -16.33 2.36
CA LEU A 167 8.75 -17.39 2.57
C LEU A 167 8.21 -17.49 4.00
N TYR A 168 9.06 -17.28 5.00
CA TYR A 168 8.62 -17.34 6.40
C TYR A 168 7.62 -16.19 6.75
N GLU A 169 7.86 -14.98 6.24
CA GLU A 169 6.91 -13.86 6.32
C GLU A 169 5.52 -14.24 5.78
N LEU A 170 5.44 -14.81 4.57
CA LEU A 170 4.19 -15.27 3.96
C LEU A 170 3.53 -16.41 4.76
N ALA A 171 4.32 -17.37 5.21
CA ALA A 171 3.79 -18.44 6.07
C ALA A 171 3.13 -17.95 7.38
N LEU A 172 3.69 -16.96 8.07
CA LEU A 172 3.14 -16.44 9.33
C LEU A 172 1.81 -15.72 9.15
N LEU A 173 1.73 -15.00 8.04
CA LEU A 173 0.51 -14.30 7.65
C LEU A 173 -0.65 -15.29 7.38
N ARG A 174 -0.34 -16.40 6.73
CA ARG A 174 -1.35 -17.43 6.51
C ARG A 174 -1.71 -18.21 7.79
N PHE A 175 -0.71 -18.56 8.58
CA PHE A 175 -0.94 -19.16 9.93
C PHE A 175 -1.93 -18.36 10.78
N ALA A 176 -1.72 -17.05 10.92
CA ALA A 176 -2.54 -16.18 11.73
C ALA A 176 -4.00 -16.18 11.21
N MET A 177 -4.20 -16.10 9.89
CA MET A 177 -5.54 -16.17 9.23
C MET A 177 -6.22 -17.52 9.46
N ASP A 178 -5.46 -18.61 9.39
CA ASP A 178 -6.01 -19.93 9.72
C ASP A 178 -6.36 -20.11 11.19
N PHE A 179 -5.53 -19.56 12.05
CA PHE A 179 -5.79 -19.61 13.49
C PHE A 179 -7.10 -18.87 13.82
N MET A 180 -7.18 -17.63 13.36
CA MET A 180 -8.37 -16.77 13.47
C MET A 180 -9.67 -17.41 12.92
N ALA A 181 -9.62 -17.90 11.69
CA ALA A 181 -10.72 -18.68 11.08
C ALA A 181 -11.14 -19.91 11.91
N ARG A 182 -10.21 -20.65 12.49
CA ARG A 182 -10.58 -21.74 13.40
C ARG A 182 -11.21 -21.26 14.74
N ARG A 183 -10.97 -20.01 15.10
CA ARG A 183 -11.46 -19.39 16.35
C ARG A 183 -12.78 -18.64 16.19
N GLY A 184 -13.46 -18.87 15.07
CA GLY A 184 -14.78 -18.29 14.78
C GLY A 184 -14.77 -16.87 14.20
N PHE A 185 -13.60 -16.31 13.93
CA PHE A 185 -13.57 -14.98 13.29
C PHE A 185 -13.73 -15.14 11.77
N LEU A 186 -14.38 -14.18 11.15
CA LEU A 186 -14.60 -14.18 9.70
C LEU A 186 -13.40 -13.54 8.98
N PRO A 187 -12.68 -14.33 8.17
CA PRO A 187 -11.52 -13.83 7.42
C PRO A 187 -11.87 -13.02 6.20
N MET A 188 -11.15 -11.92 6.09
CA MET A 188 -11.22 -10.97 4.99
C MET A 188 -9.82 -10.45 4.57
N THR A 189 -9.70 -10.16 3.28
CA THR A 189 -8.52 -9.50 2.71
C THR A 189 -9.02 -8.17 2.15
N LEU A 190 -8.38 -7.08 2.55
CA LEU A 190 -8.91 -5.71 2.39
C LEU A 190 -7.96 -4.75 1.64
N PRO A 191 -8.47 -3.58 1.21
CA PRO A 191 -7.63 -2.48 0.69
C PRO A 191 -6.81 -1.90 1.85
N SER A 192 -5.92 -1.00 1.46
CA SER A 192 -5.00 -0.28 2.38
C SER A 192 -5.13 1.21 2.19
N TYR A 193 -6.28 1.61 1.67
CA TYR A 193 -6.64 3.02 1.44
C TYR A 193 -8.14 3.18 1.66
N ALA A 194 -8.47 4.34 2.17
CA ALA A 194 -9.85 4.63 2.56
C ALA A 194 -10.07 6.14 2.53
N ARG A 195 -11.33 6.53 2.37
CA ARG A 195 -11.69 7.95 2.39
C ARG A 195 -11.61 8.48 3.82
N GLU A 196 -11.39 9.77 3.90
CA GLU A 196 -11.35 10.49 5.19
C GLU A 196 -12.39 10.10 6.27
N LYS A 197 -13.64 9.87 5.86
CA LYS A 197 -14.73 9.44 6.76
C LYS A 197 -14.35 8.22 7.61
N ALA A 198 -13.65 7.26 7.02
CA ALA A 198 -13.24 6.06 7.76
C ALA A 198 -12.21 6.35 8.88
N PHE A 199 -11.38 7.36 8.66
CA PHE A 199 -10.35 7.76 9.62
C PHE A 199 -10.92 8.55 10.82
N LEU A 200 -11.85 9.45 10.57
CA LEU A 200 -12.68 10.10 11.62
C LEU A 200 -13.46 9.08 12.47
N GLY A 201 -14.02 8.09 11.80
CA GLY A 201 -14.77 7.00 12.44
C GLY A 201 -14.04 6.31 13.59
N THR A 202 -12.77 6.03 13.35
CA THR A 202 -11.94 5.30 14.33
C THR A 202 -11.34 6.21 15.39
N GLY A 203 -11.18 7.51 15.11
CA GLY A 203 -10.39 8.39 15.99
C GLY A 203 -8.93 8.67 15.55
N HIS A 204 -8.55 8.08 14.42
CA HIS A 204 -7.23 8.37 13.82
C HIS A 204 -7.14 9.82 13.37
N PHE A 205 -8.25 10.34 12.86
CA PHE A 205 -8.41 11.79 12.63
C PHE A 205 -9.41 12.35 13.65
N PRO A 206 -9.09 13.50 14.23
CA PRO A 206 -7.93 14.36 13.89
C PRO A 206 -6.60 14.10 14.64
N ALA A 207 -6.63 13.28 15.69
CA ALA A 207 -5.49 13.13 16.61
C ALA A 207 -4.18 12.63 16.00
N TYR A 208 -4.24 11.68 15.07
CA TYR A 208 -3.05 11.01 14.51
C TYR A 208 -2.95 11.26 13.00
N ARG A 209 -3.46 12.39 12.51
CA ARG A 209 -3.38 12.68 11.07
C ARG A 209 -1.93 12.65 10.56
N ASP A 210 -1.01 13.09 11.44
CA ASP A 210 0.45 13.11 11.26
C ASP A 210 1.09 11.76 10.89
N GLN A 211 0.55 10.68 11.44
CA GLN A 211 1.03 9.30 11.23
C GLN A 211 0.55 8.61 9.91
N VAL A 212 -0.01 9.40 8.99
CA VAL A 212 -0.78 8.87 7.86
C VAL A 212 -0.36 9.57 6.55
N TRP A 213 -0.05 8.70 5.60
CA TRP A 213 0.24 9.05 4.20
C TRP A 213 -1.02 9.16 3.34
N ALA A 214 -0.99 10.22 2.53
CA ALA A 214 -2.10 10.58 1.63
C ALA A 214 -1.64 10.29 0.21
N ILE A 215 -2.58 9.80 -0.57
CA ILE A 215 -2.32 9.52 -1.98
C ILE A 215 -2.59 10.85 -2.67
N ALA A 216 -1.54 11.46 -3.20
CA ALA A 216 -1.63 12.78 -3.88
C ALA A 216 -2.69 12.82 -4.99
N GLU A 217 -3.39 13.96 -5.05
CA GLU A 217 -4.43 14.28 -6.07
C GLU A 217 -5.61 13.30 -6.07
N THR A 218 -6.15 13.19 -4.86
CA THR A 218 -7.11 12.13 -4.51
C THR A 218 -7.69 12.48 -3.13
N ASP A 219 -8.80 11.80 -2.82
CA ASP A 219 -9.45 11.91 -1.49
C ASP A 219 -9.19 10.69 -0.57
N LEU A 220 -8.11 9.98 -0.87
CA LEU A 220 -7.77 8.70 -0.22
C LEU A 220 -6.43 8.88 0.50
N TYR A 221 -6.36 8.09 1.55
CA TYR A 221 -5.22 8.00 2.46
C TYR A 221 -4.98 6.52 2.63
N LEU A 222 -3.72 6.22 2.97
CA LEU A 222 -3.26 4.86 3.27
C LEU A 222 -3.49 4.58 4.76
N THR A 223 -3.88 3.35 5.03
CA THR A 223 -4.25 2.94 6.39
C THR A 223 -3.03 2.33 7.06
N GLY A 224 -2.89 2.63 8.35
CA GLY A 224 -1.86 2.05 9.22
C GLY A 224 -2.36 0.78 9.90
N THR A 225 -3.62 0.43 9.65
CA THR A 225 -4.29 -0.74 10.26
C THR A 225 -5.59 -1.08 9.53
N ALA A 226 -5.88 -2.38 9.41
CA ALA A 226 -7.19 -2.88 8.90
C ALA A 226 -8.45 -2.39 9.69
N GLU A 227 -8.29 -1.97 10.94
CA GLU A 227 -9.34 -1.40 11.79
C GLU A 227 -10.09 -0.23 11.11
N VAL A 228 -9.35 0.64 10.44
CA VAL A 228 -9.91 1.78 9.73
C VAL A 228 -10.96 1.29 8.71
N VAL A 229 -10.66 0.23 7.96
CA VAL A 229 -11.59 -0.32 6.96
C VAL A 229 -12.70 -1.16 7.64
N LEU A 230 -12.34 -2.02 8.56
CA LEU A 230 -13.28 -2.86 9.30
C LEU A 230 -14.42 -2.10 10.02
N ASN A 231 -14.05 -0.99 10.66
CA ASN A 231 -14.95 -0.13 11.44
C ASN A 231 -15.93 0.70 10.57
N ALA A 232 -15.55 1.05 9.35
CA ALA A 232 -16.41 1.81 8.44
C ALA A 232 -17.34 0.96 7.56
N LEU A 233 -17.21 -0.37 7.57
CA LEU A 233 -18.12 -1.21 6.76
C LEU A 233 -19.62 -1.01 6.99
N HIS A 234 -20.05 -1.17 8.25
CA HIS A 234 -21.46 -1.15 8.67
C HIS A 234 -21.90 0.22 9.19
N SER A 235 -21.14 1.19 8.71
CA SER A 235 -21.42 2.60 9.01
C SER A 235 -22.75 3.01 8.37
N GLY A 236 -23.70 3.31 9.25
CA GLY A 236 -25.02 3.83 8.84
C GLY A 236 -26.13 2.76 8.80
N GLU A 237 -25.78 1.52 9.08
CA GLU A 237 -26.71 0.38 9.16
C GLU A 237 -27.17 0.19 10.61
N ILE A 238 -28.35 -0.40 10.73
CA ILE A 238 -28.88 -0.84 12.03
C ILE A 238 -28.71 -2.35 11.94
N LEU A 239 -27.74 -2.88 12.67
CA LEU A 239 -27.54 -4.32 12.74
C LEU A 239 -28.64 -5.00 13.57
N PRO A 240 -29.09 -6.17 13.17
CA PRO A 240 -29.98 -6.95 14.00
C PRO A 240 -29.16 -7.54 15.13
N TYR A 241 -29.85 -7.60 16.25
CA TYR A 241 -29.38 -8.21 17.47
C TYR A 241 -28.80 -9.63 17.28
N GLU A 242 -29.40 -10.44 16.42
CA GLU A 242 -28.90 -11.82 16.27
C GLU A 242 -27.58 -11.95 15.47
N ALA A 243 -27.17 -10.91 14.77
CA ALA A 243 -25.89 -10.87 14.02
C ALA A 243 -24.64 -10.72 14.89
N LEU A 244 -24.84 -10.45 16.19
CA LEU A 244 -23.88 -9.89 17.17
C LEU A 244 -23.41 -11.00 18.12
N PRO A 245 -22.12 -11.03 18.48
CA PRO A 245 -21.04 -10.09 18.08
C PRO A 245 -20.52 -10.35 16.67
N LEU A 246 -20.24 -9.28 15.92
CA LEU A 246 -19.44 -9.41 14.70
C LEU A 246 -17.97 -9.58 15.11
N ARG A 247 -17.43 -10.71 14.71
CA ARG A 247 -16.00 -11.02 14.79
C ARG A 247 -15.32 -11.10 13.41
N TYR A 248 -14.48 -10.11 13.10
CA TYR A 248 -13.77 -10.04 11.79
C TYR A 248 -12.25 -10.18 11.99
N ALA A 249 -11.60 -10.89 11.10
CA ALA A 249 -10.12 -10.96 11.09
C ALA A 249 -9.70 -10.47 9.70
N GLY A 250 -9.29 -9.22 9.64
CA GLY A 250 -8.88 -8.60 8.37
C GLY A 250 -7.37 -8.61 8.19
N TYR A 251 -6.97 -8.96 6.98
CA TYR A 251 -5.60 -8.77 6.51
C TYR A 251 -5.49 -7.62 5.53
N ALA A 252 -4.45 -6.83 5.68
CA ALA A 252 -4.13 -5.74 4.74
C ALA A 252 -2.68 -5.33 4.98
N PRO A 253 -1.92 -5.02 3.92
CA PRO A 253 -0.67 -4.24 4.02
C PRO A 253 -1.06 -2.94 4.71
N ALA A 254 -0.12 -2.37 5.42
CA ALA A 254 -0.34 -1.21 6.29
C ALA A 254 0.82 -0.23 6.10
N PHE A 255 0.50 1.05 6.12
CA PHE A 255 1.47 2.14 5.88
C PHE A 255 1.51 3.16 7.03
N ARG A 256 2.73 3.52 7.38
CA ARG A 256 2.98 4.61 8.34
C ARG A 256 4.11 5.50 7.87
N SER A 257 3.81 6.78 7.97
CA SER A 257 4.69 7.88 7.53
C SER A 257 5.89 8.11 8.46
N GLU A 258 5.83 7.46 9.62
CA GLU A 258 6.78 7.61 10.74
C GLU A 258 7.12 9.10 10.98
N ALA A 259 6.17 9.92 11.39
CA ALA A 259 6.53 11.16 12.11
C ALA A 259 6.94 10.74 13.55
N GLY A 260 8.00 9.92 13.58
CA GLY A 260 8.53 9.19 14.76
C GLY A 260 10.06 8.96 14.67
N SER A 261 10.73 10.10 14.89
CA SER A 261 12.19 10.28 14.75
C SER A 261 13.10 9.23 15.44
N PHE A 262 12.69 8.80 16.66
CA PHE A 262 13.17 7.65 17.48
C PHE A 262 13.40 7.92 19.00
N GLY A 263 13.90 6.87 19.65
CA GLY A 263 14.87 6.88 20.76
C GLY A 263 16.24 6.30 20.29
N LYS A 264 16.77 5.31 21.03
CA LYS A 264 18.15 4.85 20.76
C LYS A 264 18.31 3.40 20.30
N ASP A 265 18.70 3.40 19.03
CA ASP A 265 18.63 2.23 18.15
C ASP A 265 17.30 1.44 18.19
N VAL A 266 16.50 1.88 17.21
CA VAL A 266 15.60 1.02 16.43
C VAL A 266 15.58 1.38 14.92
N ARG A 267 16.28 0.47 14.22
CA ARG A 267 16.71 0.57 12.80
C ARG A 267 17.06 -0.79 12.10
N GLY A 268 16.40 -1.89 12.50
CA GLY A 268 16.43 -3.20 11.78
C GLY A 268 15.06 -3.56 11.17
N LEU A 269 14.33 -4.53 11.75
CA LEU A 269 12.93 -4.85 11.35
C LEU A 269 11.81 -4.19 12.19
N MET A 270 12.13 -3.11 12.89
CA MET A 270 11.24 -2.64 13.98
C MET A 270 10.24 -1.51 13.65
N ARG A 271 10.70 -0.47 12.94
CA ARG A 271 9.90 0.73 12.58
C ARG A 271 9.91 1.06 11.08
N VAL A 272 9.29 0.18 10.31
CA VAL A 272 9.23 0.32 8.85
C VAL A 272 7.94 0.99 8.39
N HIS A 273 8.05 1.79 7.35
CA HIS A 273 6.91 2.45 6.72
C HIS A 273 5.82 1.51 6.21
N GLN A 274 6.20 0.34 5.74
CA GLN A 274 5.28 -0.64 5.14
C GLN A 274 5.46 -2.00 5.77
N PHE A 275 4.33 -2.57 6.18
CA PHE A 275 4.27 -3.91 6.80
C PHE A 275 2.91 -4.57 6.54
N HIS A 276 2.79 -5.81 6.98
CA HIS A 276 1.61 -6.64 6.80
C HIS A 276 1.04 -6.95 8.17
N LYS A 277 -0.27 -6.84 8.30
CA LYS A 277 -0.94 -6.96 9.61
C LYS A 277 -2.30 -7.65 9.50
N VAL A 278 -2.49 -8.66 10.34
CA VAL A 278 -3.79 -9.34 10.54
C VAL A 278 -4.33 -8.82 11.88
N GLU A 279 -5.48 -8.19 11.78
CA GLU A 279 -6.24 -7.56 12.89
C GLU A 279 -7.51 -8.32 13.28
N GLN A 280 -7.70 -8.48 14.59
CA GLN A 280 -8.96 -8.88 15.24
C GLN A 280 -9.86 -7.64 15.51
N TYR A 281 -11.13 -7.69 15.12
CA TYR A 281 -12.13 -6.62 15.35
C TYR A 281 -13.48 -7.21 15.76
N VAL A 282 -13.97 -6.72 16.89
CA VAL A 282 -15.26 -7.16 17.46
C VAL A 282 -16.22 -5.95 17.60
N LEU A 283 -17.42 -6.15 17.07
CA LEU A 283 -18.56 -5.21 17.21
C LEU A 283 -19.65 -5.94 18.01
N THR A 284 -19.84 -5.46 19.24
CA THR A 284 -20.77 -6.11 20.20
C THR A 284 -21.89 -5.17 20.73
N GLU A 285 -22.79 -5.76 21.50
CA GLU A 285 -23.86 -4.99 22.13
C GLU A 285 -23.34 -4.05 23.22
N ALA A 286 -24.02 -2.93 23.43
CA ALA A 286 -23.73 -1.90 24.45
C ALA A 286 -24.03 -2.31 25.92
N SER A 287 -23.22 -3.27 26.37
CA SER A 287 -23.16 -3.86 27.72
C SER A 287 -21.69 -3.99 28.13
N LEU A 288 -21.35 -3.64 29.37
CA LEU A 288 -19.97 -3.82 29.88
C LEU A 288 -19.55 -5.29 29.95
N GLU A 289 -20.47 -6.14 30.43
CA GLU A 289 -20.30 -7.61 30.45
C GLU A 289 -19.88 -8.16 29.07
N ALA A 290 -20.55 -7.68 28.02
CA ALA A 290 -20.26 -8.03 26.62
C ALA A 290 -18.90 -7.53 26.13
N SER A 291 -18.57 -6.27 26.44
CA SER A 291 -17.23 -5.72 26.19
C SER A 291 -16.09 -6.54 26.86
N ASP A 292 -16.26 -6.85 28.14
CA ASP A 292 -15.23 -7.54 28.96
C ASP A 292 -14.97 -8.98 28.54
N ARG A 293 -16.03 -9.65 28.11
CA ARG A 293 -16.00 -11.01 27.55
C ARG A 293 -15.29 -11.05 26.18
N ALA A 294 -15.57 -10.06 25.32
CA ALA A 294 -14.89 -9.83 24.05
C ALA A 294 -13.41 -9.47 24.26
N PHE A 295 -13.12 -8.56 25.19
CA PHE A 295 -11.75 -8.19 25.56
C PHE A 295 -10.90 -9.40 26.00
N GLN A 296 -11.49 -10.22 26.85
CA GLN A 296 -10.83 -11.44 27.32
C GLN A 296 -10.50 -12.41 26.18
N GLU A 297 -11.45 -12.60 25.26
CA GLU A 297 -11.28 -13.49 24.10
C GLU A 297 -10.12 -13.03 23.17
N LEU A 298 -10.13 -11.73 22.91
CA LEU A 298 -9.20 -11.05 22.03
C LEU A 298 -7.75 -11.18 22.50
N LEU A 299 -7.62 -11.23 23.82
CA LEU A 299 -6.31 -11.34 24.49
C LEU A 299 -5.80 -12.79 24.49
N GLU A 300 -6.70 -13.72 24.85
CA GLU A 300 -6.45 -15.17 24.80
C GLU A 300 -6.05 -15.71 23.42
N ASN A 301 -6.63 -15.16 22.35
CA ASN A 301 -6.23 -15.48 20.97
C ASN A 301 -4.77 -15.16 20.63
N ALA A 302 -4.36 -13.96 21.04
CA ALA A 302 -3.00 -13.40 21.01
C ALA A 302 -1.96 -14.15 21.90
N GLU A 303 -2.31 -14.45 23.13
CA GLU A 303 -1.54 -15.36 23.99
C GLU A 303 -1.39 -16.75 23.36
N GLU A 304 -2.45 -17.28 22.75
CA GLU A 304 -2.35 -18.59 22.10
C GLU A 304 -1.46 -18.59 20.85
N ILE A 305 -1.51 -17.56 20.04
CA ILE A 305 -0.59 -17.38 18.89
C ILE A 305 0.86 -17.36 19.41
N LEU A 306 1.13 -16.62 20.48
CA LEU A 306 2.49 -16.54 21.01
C LEU A 306 2.95 -17.84 21.62
N ARG A 307 2.03 -18.63 22.17
CA ARG A 307 2.42 -19.96 22.66
C ARG A 307 2.80 -20.91 21.52
N LEU A 308 2.01 -20.88 20.44
CA LEU A 308 2.16 -21.66 19.20
C LEU A 308 3.51 -21.42 18.44
N LEU A 309 3.94 -20.19 18.63
CA LEU A 309 5.12 -19.53 18.08
C LEU A 309 6.37 -19.68 19.02
N GLU A 310 6.16 -20.24 20.22
CA GLU A 310 7.20 -20.58 21.21
C GLU A 310 8.08 -19.41 21.68
N LEU A 311 7.38 -18.32 21.95
CA LEU A 311 7.93 -17.01 22.38
C LEU A 311 7.54 -16.66 23.83
N PRO A 312 8.51 -16.14 24.63
CA PRO A 312 8.28 -15.71 26.01
C PRO A 312 7.69 -14.29 25.97
N TYR A 313 6.61 -14.06 26.70
CA TYR A 313 5.85 -12.79 26.66
C TYR A 313 5.40 -12.32 28.04
N ARG A 314 4.97 -11.08 28.09
CA ARG A 314 4.32 -10.51 29.29
C ARG A 314 3.13 -9.64 28.89
N LEU A 315 2.27 -9.42 29.86
CA LEU A 315 1.11 -8.53 29.74
C LEU A 315 1.35 -7.25 30.53
N VAL A 316 0.97 -6.14 29.93
CA VAL A 316 1.16 -4.81 30.55
C VAL A 316 -0.17 -4.02 30.50
N GLU A 317 -0.72 -3.57 31.64
CA GLU A 317 -1.78 -2.54 31.65
C GLU A 317 -1.22 -1.18 31.28
N VAL A 318 -1.87 -0.57 30.33
CA VAL A 318 -1.44 0.76 29.85
C VAL A 318 -2.16 1.83 30.66
N ALA A 319 -1.34 2.81 31.02
CA ALA A 319 -1.71 4.00 31.78
C ALA A 319 -2.58 4.98 30.98
N THR A 320 -3.34 5.77 31.74
CA THR A 320 -4.31 6.75 31.23
C THR A 320 -3.71 7.75 30.22
N GLY A 321 -2.46 8.13 30.50
CA GLY A 321 -1.69 9.07 29.66
C GLY A 321 -1.10 8.46 28.38
N ASP A 322 -1.13 7.12 28.27
CA ASP A 322 -0.59 6.35 27.13
C ASP A 322 -1.62 5.58 26.24
N MET A 323 -2.82 5.35 26.77
CA MET A 323 -4.02 4.84 26.05
C MET A 323 -4.45 5.46 24.70
N GLY A 324 -4.50 6.79 24.66
CA GLY A 324 -5.17 7.53 23.60
C GLY A 324 -6.58 7.95 24.06
N PRO A 325 -7.16 8.94 23.39
CA PRO A 325 -8.43 9.56 23.80
C PRO A 325 -9.68 8.66 23.85
N GLY A 326 -9.77 7.72 22.91
CA GLY A 326 -10.95 6.85 22.74
C GLY A 326 -11.05 5.61 23.63
N LYS A 327 -9.97 5.23 24.31
CA LYS A 327 -9.96 3.95 25.04
C LYS A 327 -10.60 4.01 26.41
N TRP A 328 -11.11 2.85 26.77
CA TRP A 328 -11.54 2.53 28.12
C TRP A 328 -10.49 1.67 28.84
N ARG A 329 -10.01 0.62 28.18
CA ARG A 329 -8.92 -0.26 28.64
C ARG A 329 -7.94 -0.46 27.49
N GLN A 330 -6.66 -0.57 27.83
CA GLN A 330 -5.64 -1.04 26.88
C GLN A 330 -4.61 -1.92 27.58
N VAL A 331 -4.47 -3.11 27.03
CA VAL A 331 -3.46 -4.10 27.42
C VAL A 331 -2.55 -4.44 26.22
N ASP A 332 -1.28 -4.07 26.37
CA ASP A 332 -0.18 -4.46 25.46
C ASP A 332 0.37 -5.86 25.78
N ILE A 333 0.64 -6.60 24.72
CA ILE A 333 1.43 -7.84 24.85
C ILE A 333 2.82 -7.52 24.27
N GLU A 334 3.81 -7.87 25.07
CA GLU A 334 5.22 -7.59 24.75
C GLU A 334 6.00 -8.88 24.75
N VAL A 335 6.94 -8.99 23.80
CA VAL A 335 7.77 -10.20 23.60
C VAL A 335 9.26 -9.90 23.85
N TYR A 336 9.93 -10.86 24.48
CA TYR A 336 11.36 -10.74 24.85
C TYR A 336 12.31 -10.72 23.66
N LEU A 337 13.07 -9.63 23.58
CA LEU A 337 14.15 -9.48 22.59
C LEU A 337 15.55 -9.64 23.28
N PRO A 338 16.17 -10.83 23.25
CA PRO A 338 17.42 -11.13 23.99
C PRO A 338 18.58 -10.13 23.86
N SER A 339 18.76 -9.55 22.68
CA SER A 339 19.89 -8.64 22.45
C SER A 339 19.77 -7.29 23.16
N GLU A 340 18.54 -6.78 23.23
CA GLU A 340 18.21 -5.53 23.95
C GLU A 340 18.09 -5.72 25.49
N GLY A 341 17.85 -6.98 25.86
CA GLY A 341 17.58 -7.43 27.24
C GLY A 341 16.22 -6.96 27.78
N ARG A 342 15.22 -6.96 26.92
CA ARG A 342 13.92 -6.38 27.27
C ARG A 342 12.78 -6.77 26.34
N TYR A 343 11.60 -6.31 26.75
CA TYR A 343 10.37 -6.68 26.07
C TYR A 343 9.94 -5.56 25.11
N ARG A 344 9.66 -5.95 23.87
CA ARG A 344 9.16 -5.00 22.86
C ARG A 344 7.78 -5.49 22.40
N GLU A 345 6.95 -4.50 22.28
CA GLU A 345 5.53 -4.72 22.09
C GLU A 345 5.26 -5.40 20.75
N THR A 346 4.36 -6.39 20.78
CA THR A 346 3.90 -7.09 19.57
C THR A 346 2.39 -6.97 19.23
N HIS A 347 1.55 -6.90 20.27
CA HIS A 347 0.08 -6.83 20.22
C HIS A 347 -0.40 -5.75 21.18
N SER A 348 -1.52 -5.12 20.83
CA SER A 348 -2.17 -4.08 21.67
C SER A 348 -3.72 -4.18 21.66
N CYS A 349 -4.31 -4.55 22.78
CA CYS A 349 -5.72 -4.93 22.92
C CYS A 349 -6.45 -3.79 23.57
N SER A 350 -7.44 -3.27 22.84
CA SER A 350 -8.23 -2.07 23.15
C SER A 350 -9.75 -2.30 23.22
N ALA A 351 -10.36 -1.61 24.20
CA ALA A 351 -11.83 -1.44 24.35
C ALA A 351 -12.19 0.04 24.30
N LEU A 352 -13.05 0.36 23.34
CA LEU A 352 -13.41 1.76 23.04
C LEU A 352 -14.87 2.12 23.39
N LEU A 353 -15.58 1.16 23.95
CA LEU A 353 -17.02 1.22 24.26
C LEU A 353 -17.76 1.67 22.99
N ASP A 354 -18.40 2.83 23.03
CA ASP A 354 -19.16 3.36 21.89
C ASP A 354 -18.62 4.71 21.36
N TRP A 355 -17.35 4.98 21.72
CA TRP A 355 -16.66 6.21 21.29
C TRP A 355 -16.44 6.25 19.76
N GLN A 356 -16.10 5.12 19.15
CA GLN A 356 -16.00 5.07 17.68
C GLN A 356 -17.32 4.72 16.98
N ALA A 357 -18.20 4.00 17.66
CA ALA A 357 -19.59 3.78 17.23
C ALA A 357 -20.41 5.08 17.03
N ARG A 358 -20.20 6.07 17.90
CA ARG A 358 -20.80 7.40 17.71
C ARG A 358 -20.17 8.24 16.59
N ARG A 359 -18.89 7.98 16.27
CA ARG A 359 -18.21 8.69 15.15
C ARG A 359 -18.49 8.03 13.78
N ALA A 360 -18.50 6.71 13.78
CA ALA A 360 -18.69 5.92 12.56
C ALA A 360 -20.14 5.59 12.27
N ASN A 361 -21.01 5.88 13.23
CA ASN A 361 -22.47 5.62 13.14
C ASN A 361 -22.81 4.14 12.99
N LEU A 362 -22.43 3.42 14.02
CA LEU A 362 -22.67 1.98 14.07
C LEU A 362 -23.76 1.70 15.10
N ARG A 363 -24.81 1.10 14.61
CA ARG A 363 -26.00 0.88 15.44
C ARG A 363 -26.65 -0.47 15.24
N TYR A 364 -27.22 -0.89 16.34
CA TYR A 364 -28.01 -2.12 16.35
C TYR A 364 -29.39 -1.90 17.01
N ARG A 365 -30.28 -2.82 16.70
CA ARG A 365 -31.58 -2.97 17.35
C ARG A 365 -31.43 -3.99 18.49
N ASP A 366 -31.65 -3.51 19.71
CA ASP A 366 -31.48 -4.33 20.92
C ASP A 366 -32.65 -5.34 21.15
N PRO A 367 -32.68 -6.19 22.19
CA PRO A 367 -33.75 -7.19 22.38
C PRO A 367 -35.17 -6.62 22.57
N GLU A 368 -35.29 -5.36 22.97
CA GLU A 368 -36.56 -4.62 23.19
C GLU A 368 -37.00 -3.76 22.00
N GLY A 369 -36.33 -3.88 20.87
CA GLY A 369 -36.60 -3.04 19.70
C GLY A 369 -36.09 -1.59 19.78
N ARG A 370 -35.35 -1.24 20.84
CA ARG A 370 -34.63 0.06 20.80
C ARG A 370 -33.24 0.03 20.16
N VAL A 371 -33.06 1.06 19.34
CA VAL A 371 -31.86 1.31 18.52
C VAL A 371 -30.81 2.02 19.39
N ARG A 372 -29.67 1.34 19.46
CA ARG A 372 -28.48 1.74 20.23
C ARG A 372 -27.16 1.72 19.45
N TYR A 373 -26.27 2.61 19.88
CA TYR A 373 -24.84 2.59 19.46
C TYR A 373 -24.11 1.36 20.01
N ALA A 374 -23.46 0.62 19.13
CA ALA A 374 -22.74 -0.61 19.51
C ALA A 374 -21.42 -0.30 20.24
N TYR A 375 -20.87 -1.33 20.87
CA TYR A 375 -19.51 -1.28 21.43
C TYR A 375 -18.47 -1.98 20.51
N THR A 376 -17.30 -1.35 20.38
CA THR A 376 -16.19 -1.90 19.56
C THR A 376 -14.91 -2.19 20.35
N LEU A 377 -14.20 -3.22 19.91
CA LEU A 377 -12.90 -3.63 20.45
C LEU A 377 -12.00 -4.07 19.29
N ASN A 378 -10.69 -4.05 19.51
CA ASN A 378 -9.72 -4.59 18.54
C ASN A 378 -8.43 -5.06 19.24
N ASN A 379 -7.68 -5.91 18.54
CA ASN A 379 -6.35 -6.43 18.93
C ASN A 379 -5.61 -7.00 17.69
N THR A 380 -4.30 -6.85 17.62
CA THR A 380 -3.48 -7.52 16.58
C THR A 380 -3.66 -9.02 16.77
N ALA A 381 -3.68 -9.71 15.64
CA ALA A 381 -3.46 -11.15 15.63
C ALA A 381 -1.95 -11.45 15.43
N LEU A 382 -1.34 -10.79 14.43
CA LEU A 382 0.07 -10.97 14.06
C LEU A 382 0.44 -9.92 13.03
N ALA A 383 1.53 -9.24 13.28
CA ALA A 383 2.12 -8.29 12.32
C ALA A 383 3.56 -8.69 11.98
N THR A 384 3.91 -8.56 10.70
CA THR A 384 5.29 -8.73 10.21
C THR A 384 5.78 -7.37 9.65
N PRO A 385 7.11 -7.04 9.70
CA PRO A 385 8.24 -7.89 10.06
C PRO A 385 8.66 -7.83 11.52
N ARG A 386 8.01 -7.02 12.34
CA ARG A 386 8.35 -6.92 13.76
C ARG A 386 8.36 -8.25 14.50
N ILE A 387 7.46 -9.18 14.25
CA ILE A 387 7.50 -10.45 14.96
C ILE A 387 8.74 -11.31 14.57
N LEU A 388 9.30 -11.10 13.36
CA LEU A 388 10.47 -11.84 12.81
C LEU A 388 11.74 -11.56 13.63
N ALA A 389 11.96 -10.31 13.99
CA ALA A 389 13.04 -9.90 14.90
C ALA A 389 13.08 -10.74 16.19
N MET A 390 11.90 -11.01 16.75
CA MET A 390 11.75 -11.84 17.97
C MET A 390 11.90 -13.34 17.75
N LEU A 391 11.36 -13.82 16.62
CA LEU A 391 11.53 -15.20 16.17
C LEU A 391 13.00 -15.59 15.89
N LEU A 392 13.76 -14.77 15.15
CA LEU A 392 15.20 -15.00 14.86
C LEU A 392 16.05 -15.05 16.13
N GLU A 393 15.96 -14.03 16.98
CA GLU A 393 16.76 -13.99 18.22
C GLU A 393 16.48 -15.11 19.24
N ASN A 394 15.22 -15.46 19.44
CA ASN A 394 14.79 -16.53 20.38
C ASN A 394 15.00 -17.95 19.88
N HIS A 395 14.96 -18.16 18.56
CA HIS A 395 15.06 -19.50 17.96
C HIS A 395 16.41 -19.81 17.26
N GLN A 396 17.40 -18.95 17.50
CA GLN A 396 18.70 -19.07 16.85
C GLN A 396 19.45 -20.29 17.40
N LEU A 397 20.14 -20.92 16.47
CA LEU A 397 21.05 -22.04 16.74
C LEU A 397 22.51 -21.56 16.61
N GLN A 398 23.43 -22.43 17.03
CA GLN A 398 24.89 -22.20 17.14
C GLN A 398 25.57 -21.75 15.83
N ASP A 399 25.13 -22.43 14.76
CA ASP A 399 25.56 -22.20 13.36
C ASP A 399 25.03 -20.94 12.66
N GLY A 400 24.30 -20.12 13.40
CA GLY A 400 23.59 -18.96 12.84
C GLY A 400 22.27 -19.25 12.08
N ARG A 401 21.75 -20.47 12.09
CA ARG A 401 20.45 -20.68 11.47
C ARG A 401 19.36 -20.91 12.50
N VAL A 402 18.12 -20.68 12.07
CA VAL A 402 16.99 -20.46 12.99
C VAL A 402 15.97 -21.60 12.88
N ARG A 403 15.57 -22.08 14.02
CA ARG A 403 14.57 -23.17 14.16
C ARG A 403 13.18 -22.60 13.85
N VAL A 404 12.30 -23.45 13.31
CA VAL A 404 10.87 -23.17 13.05
C VAL A 404 10.03 -23.80 14.20
N PRO A 405 9.13 -23.07 14.86
CA PRO A 405 8.26 -23.66 15.91
C PRO A 405 7.50 -24.87 15.32
N GLN A 406 7.15 -25.86 16.14
CA GLN A 406 6.33 -27.03 15.68
C GLN A 406 5.08 -26.62 14.87
N ALA A 407 4.32 -25.67 15.39
CA ALA A 407 3.09 -25.15 14.75
C ALA A 407 3.27 -24.63 13.30
N LEU A 408 4.49 -24.20 12.99
CA LEU A 408 4.80 -23.64 11.67
C LEU A 408 5.48 -24.53 10.66
N ILE A 409 5.97 -25.67 11.11
CA ILE A 409 6.64 -26.63 10.22
C ILE A 409 5.67 -26.99 9.07
N PRO A 410 4.37 -27.22 9.32
CA PRO A 410 3.42 -27.50 8.24
C PRO A 410 3.28 -26.35 7.23
N TYR A 411 3.49 -25.12 7.70
CA TYR A 411 3.50 -23.95 6.81
C TYR A 411 4.83 -23.75 6.07
N MET A 412 5.95 -24.27 6.57
CA MET A 412 7.27 -24.05 5.97
C MET A 412 7.77 -25.18 5.10
N GLY A 413 7.49 -26.38 5.58
CA GLY A 413 7.93 -27.63 4.93
C GLY A 413 9.23 -28.14 5.54
N LYS A 414 9.96 -27.22 6.16
CA LYS A 414 11.22 -27.50 6.84
C LYS A 414 11.14 -27.12 8.30
N GLU A 415 12.04 -27.73 9.05
CA GLU A 415 12.15 -27.51 10.51
C GLU A 415 13.13 -26.39 10.92
N VAL A 416 14.01 -26.03 10.00
CA VAL A 416 15.11 -25.06 10.22
C VAL A 416 15.23 -24.22 8.95
N LEU A 417 15.38 -22.93 9.18
CA LEU A 417 15.61 -21.91 8.17
C LEU A 417 17.09 -21.97 7.75
N GLU A 418 17.26 -22.01 6.43
CA GLU A 418 18.55 -22.20 5.77
C GLU A 418 19.08 -20.92 5.13
N PRO A 419 20.39 -20.67 5.25
CA PRO A 419 21.02 -19.49 4.64
C PRO A 419 20.88 -19.52 3.14
N CYS A 420 20.88 -18.36 2.50
CA CYS A 420 21.11 -18.44 1.06
C CYS A 420 22.38 -17.78 0.52
N GLY A 421 22.43 -16.46 0.70
CA GLY A 421 23.42 -15.60 0.03
C GLY A 421 23.07 -15.41 -1.46
N MET B 1 16.32 3.75 -22.63
CA MET B 1 17.37 4.49 -23.35
C MET B 1 18.20 3.61 -24.33
N VAL B 2 18.56 4.28 -25.43
CA VAL B 2 19.34 3.76 -26.57
C VAL B 2 20.70 4.48 -26.65
N ASP B 3 21.68 3.80 -27.26
CA ASP B 3 23.01 4.39 -27.52
C ASP B 3 22.93 5.60 -28.50
N LEU B 4 23.30 6.77 -27.99
CA LEU B 4 23.28 8.05 -28.71
C LEU B 4 24.20 8.11 -29.94
N LYS B 5 25.34 7.49 -29.77
CA LYS B 5 26.37 7.25 -30.80
C LYS B 5 25.75 6.56 -32.04
N ARG B 6 25.05 5.47 -31.76
CA ARG B 6 24.31 4.67 -32.74
C ARG B 6 23.03 5.35 -33.26
N LEU B 7 22.44 6.14 -32.39
CA LEU B 7 21.35 7.00 -32.81
C LEU B 7 21.81 7.93 -33.94
N ARG B 8 23.04 8.45 -33.90
CA ARG B 8 23.47 9.29 -35.01
C ARG B 8 24.08 8.58 -36.21
N GLN B 9 24.70 7.42 -35.99
CA GLN B 9 25.22 6.65 -37.14
C GLN B 9 24.28 5.64 -37.81
N GLU B 10 23.00 5.67 -37.41
CA GLU B 10 22.00 4.70 -37.92
C GLU B 10 20.54 5.12 -37.59
N PRO B 11 20.19 6.41 -37.72
CA PRO B 11 18.88 6.92 -37.26
C PRO B 11 17.67 6.32 -38.00
N GLU B 12 17.89 5.90 -39.24
CA GLU B 12 16.88 5.19 -40.07
C GLU B 12 16.16 4.03 -39.36
N VAL B 13 16.94 3.23 -38.64
CA VAL B 13 16.44 2.11 -37.82
C VAL B 13 15.47 2.63 -36.73
N PHE B 14 15.90 3.70 -36.07
CA PHE B 14 15.16 4.33 -34.96
C PHE B 14 13.94 5.09 -35.44
N HIS B 15 14.02 5.58 -36.67
CA HIS B 15 12.85 6.17 -37.37
C HIS B 15 11.74 5.12 -37.64
N ARG B 16 12.17 3.95 -38.08
CA ARG B 16 11.26 2.80 -38.29
C ARG B 16 10.57 2.37 -36.98
N ALA B 17 11.32 2.35 -35.90
CA ALA B 17 10.80 1.99 -34.57
C ALA B 17 9.81 3.02 -34.04
N ILE B 18 10.16 4.31 -34.16
CA ILE B 18 9.25 5.44 -33.84
C ILE B 18 7.92 5.36 -34.65
N ARG B 19 7.99 5.21 -35.98
CA ARG B 19 6.80 4.99 -36.84
C ARG B 19 5.97 3.76 -36.44
N GLU B 20 6.61 2.60 -36.50
CA GLU B 20 5.92 1.32 -36.24
C GLU B 20 5.40 1.10 -34.82
N LYS B 21 6.02 1.71 -33.81
CA LYS B 21 5.56 1.67 -32.42
C LYS B 21 4.62 2.83 -32.02
N GLY B 22 4.39 3.74 -32.97
CA GLY B 22 3.52 4.91 -32.76
C GLY B 22 4.00 5.82 -31.61
N VAL B 23 5.30 6.05 -31.57
CA VAL B 23 5.88 6.97 -30.57
C VAL B 23 5.86 8.40 -31.16
N ALA B 24 5.43 9.34 -30.32
CA ALA B 24 5.31 10.76 -30.71
C ALA B 24 6.61 11.53 -30.44
N LEU B 25 7.58 11.20 -31.30
CA LEU B 25 8.96 11.72 -31.24
C LEU B 25 9.48 12.10 -32.64
N ASP B 26 9.92 13.34 -32.74
CA ASP B 26 10.62 13.81 -33.95
C ASP B 26 12.12 13.53 -33.81
N LEU B 27 12.55 12.49 -34.50
CA LEU B 27 13.96 12.09 -34.51
C LEU B 27 14.86 13.26 -34.99
N GLU B 28 14.44 13.92 -36.05
CA GLU B 28 15.30 14.94 -36.69
C GLU B 28 15.60 16.15 -35.80
N ALA B 29 14.56 16.59 -35.08
CA ALA B 29 14.64 17.66 -34.05
C ALA B 29 15.50 17.30 -32.83
N LEU B 30 15.45 16.02 -32.45
CA LEU B 30 16.37 15.42 -31.47
C LEU B 30 17.84 15.55 -31.92
N LEU B 31 18.10 15.08 -33.14
CA LEU B 31 19.45 15.07 -33.74
C LEU B 31 20.08 16.46 -33.95
N ALA B 32 19.20 17.40 -34.32
CA ALA B 32 19.50 18.84 -34.40
C ALA B 32 19.80 19.45 -33.03
N LEU B 33 18.92 19.20 -32.06
CA LEU B 33 19.13 19.62 -30.65
C LEU B 33 20.47 19.10 -30.12
N ASP B 34 20.76 17.87 -30.52
CA ASP B 34 22.04 17.25 -30.16
C ASP B 34 23.22 18.05 -30.70
N ARG B 35 23.16 18.50 -31.94
CA ARG B 35 24.26 19.33 -32.48
C ARG B 35 24.28 20.80 -31.98
N GLU B 36 23.21 21.25 -31.33
CA GLU B 36 23.29 22.50 -30.55
C GLU B 36 24.21 22.28 -29.34
N VAL B 37 23.80 21.33 -28.50
CA VAL B 37 24.48 21.00 -27.23
C VAL B 37 25.99 20.85 -27.48
N GLN B 38 26.29 20.20 -28.58
CA GLN B 38 27.68 19.94 -29.00
C GLN B 38 28.52 21.14 -29.43
N GLU B 39 27.94 22.06 -30.20
CA GLU B 39 28.63 23.31 -30.59
C GLU B 39 28.87 24.20 -29.37
N LEU B 40 27.84 24.31 -28.54
CA LEU B 40 27.86 25.08 -27.28
C LEU B 40 28.96 24.62 -26.32
N LYS B 41 29.14 23.31 -26.18
CA LYS B 41 30.21 22.80 -25.28
C LYS B 41 31.62 23.19 -25.71
N LYS B 42 31.80 23.21 -27.03
CA LYS B 42 33.04 23.64 -27.71
C LYS B 42 33.30 25.16 -27.49
N ARG B 43 32.35 26.03 -27.88
CA ARG B 43 32.47 27.49 -27.63
C ARG B 43 32.56 27.86 -26.13
N LEU B 44 31.91 27.08 -25.26
CA LEU B 44 31.99 27.32 -23.81
C LEU B 44 33.40 27.00 -23.24
N GLN B 45 34.03 25.90 -23.66
CA GLN B 45 35.41 25.58 -23.22
C GLN B 45 36.44 26.62 -23.70
N GLU B 46 36.32 26.98 -24.99
CA GLU B 46 36.95 28.16 -25.62
C GLU B 46 37.00 29.43 -24.73
N VAL B 47 35.82 29.89 -24.30
CA VAL B 47 35.67 31.13 -23.49
C VAL B 47 36.41 31.00 -22.15
N GLN B 48 36.29 29.84 -21.51
CA GLN B 48 37.00 29.63 -20.23
C GLN B 48 38.51 29.40 -20.40
N THR B 49 38.86 28.82 -21.53
CA THR B 49 40.23 28.73 -22.07
C THR B 49 40.86 30.12 -22.29
N GLU B 50 40.15 31.03 -22.96
CA GLU B 50 40.60 32.45 -23.09
C GLU B 50 40.80 33.10 -21.72
N ARG B 51 39.78 32.96 -20.88
CA ARG B 51 39.72 33.53 -19.53
C ARG B 51 40.90 33.05 -18.66
N ASN B 52 41.22 31.76 -18.77
CA ASN B 52 42.42 31.13 -18.17
C ASN B 52 43.70 31.94 -18.50
N GLN B 53 43.95 32.12 -19.79
CA GLN B 53 45.07 32.92 -20.35
C GLN B 53 45.18 34.34 -19.75
N VAL B 54 44.05 35.09 -19.76
CA VAL B 54 43.90 36.42 -19.10
C VAL B 54 44.29 36.40 -17.61
N ALA B 55 43.58 35.57 -16.84
CA ALA B 55 43.81 35.36 -15.38
C ALA B 55 45.27 35.02 -14.95
N LYS B 56 45.94 34.22 -15.79
CA LYS B 56 47.37 33.87 -15.62
C LYS B 56 48.24 35.12 -15.39
N ARG B 57 48.13 36.00 -16.36
CA ARG B 57 48.96 37.22 -16.44
C ARG B 57 48.32 38.51 -15.89
N VAL B 58 47.34 38.41 -14.98
CA VAL B 58 46.73 39.66 -14.48
C VAL B 58 47.76 40.40 -13.57
N PRO B 59 48.16 39.91 -12.37
CA PRO B 59 49.42 40.40 -11.79
C PRO B 59 50.64 39.87 -12.56
N LYS B 60 51.57 40.82 -12.66
CA LYS B 60 52.79 40.77 -13.49
C LYS B 60 52.53 40.95 -15.00
N ALA B 61 51.43 41.68 -15.19
CA ALA B 61 51.28 42.71 -16.23
C ALA B 61 51.54 44.06 -15.54
N PRO B 62 52.16 45.02 -16.25
CA PRO B 62 52.30 46.41 -15.77
C PRO B 62 50.92 47.00 -15.41
N PRO B 63 50.83 47.98 -14.50
CA PRO B 63 49.53 48.56 -14.09
C PRO B 63 48.74 49.11 -15.29
N GLU B 64 49.48 49.78 -16.16
CA GLU B 64 49.01 50.25 -17.49
C GLU B 64 48.18 49.21 -18.29
N GLU B 65 48.59 47.96 -18.27
CA GLU B 65 47.96 46.86 -19.04
C GLU B 65 47.00 45.95 -18.25
N LYS B 66 47.25 45.79 -16.96
CA LYS B 66 46.48 44.85 -16.15
C LYS B 66 44.98 45.23 -16.09
N GLU B 67 44.71 46.53 -16.24
CA GLU B 67 43.36 47.15 -16.34
C GLU B 67 42.55 46.66 -17.56
N ALA B 68 43.21 46.65 -18.71
CA ALA B 68 42.69 46.06 -19.96
C ALA B 68 42.39 44.57 -19.77
N LEU B 69 43.35 43.84 -19.20
CA LEU B 69 43.25 42.39 -18.93
C LEU B 69 41.98 42.03 -18.12
N ILE B 70 41.72 42.88 -17.12
CA ILE B 70 40.50 42.88 -16.26
C ILE B 70 39.20 43.14 -17.05
N ALA B 71 39.18 44.19 -17.87
CA ALA B 71 38.11 44.42 -18.87
C ALA B 71 37.88 43.20 -19.80
N ARG B 72 38.91 42.57 -20.40
CA ARG B 72 38.72 41.33 -21.21
C ARG B 72 38.21 40.13 -20.36
N GLY B 73 38.68 40.03 -19.11
CA GLY B 73 38.19 39.02 -18.14
C GLY B 73 36.67 39.12 -17.91
N LYS B 74 36.19 40.30 -17.54
CA LYS B 74 34.74 40.57 -17.27
C LYS B 74 33.75 40.20 -18.41
N ALA B 75 34.12 40.64 -19.61
CA ALA B 75 33.39 40.36 -20.87
C ALA B 75 33.37 38.85 -21.20
N LEU B 76 34.51 38.18 -21.02
CA LEU B 76 34.63 36.71 -21.08
C LEU B 76 33.76 36.02 -20.02
N GLY B 77 33.65 36.65 -18.85
CA GLY B 77 32.74 36.21 -17.77
C GLY B 77 31.26 36.31 -18.17
N GLU B 78 30.88 37.47 -18.72
CA GLU B 78 29.57 37.70 -19.39
C GLU B 78 29.21 36.56 -20.35
N GLU B 79 30.14 36.32 -21.27
CA GLU B 79 30.12 35.19 -22.21
C GLU B 79 29.93 33.81 -21.55
N ALA B 80 30.88 33.40 -20.69
CA ALA B 80 30.88 32.05 -20.07
C ALA B 80 29.53 31.74 -19.43
N LYS B 81 29.02 32.68 -18.64
CA LYS B 81 27.70 32.52 -17.97
C LYS B 81 26.53 32.42 -18.97
N ARG B 82 26.47 33.36 -19.92
CA ARG B 82 25.45 33.41 -21.00
C ARG B 82 25.39 32.08 -21.79
N LEU B 83 26.58 31.58 -22.15
CA LEU B 83 26.76 30.33 -22.90
C LEU B 83 26.39 29.10 -22.07
N GLU B 84 26.93 29.02 -20.85
CA GLU B 84 26.65 27.94 -19.90
C GLU B 84 25.14 27.75 -19.63
N GLU B 85 24.51 28.87 -19.30
CA GLU B 85 23.05 29.00 -19.10
C GLU B 85 22.16 28.44 -20.26
N ALA B 86 22.52 28.74 -21.52
CA ALA B 86 21.87 28.15 -22.72
C ALA B 86 22.18 26.64 -22.92
N LEU B 87 23.41 26.22 -22.68
CA LEU B 87 23.79 24.80 -22.73
C LEU B 87 22.94 23.95 -21.78
N ARG B 88 22.79 24.46 -20.57
CA ARG B 88 21.98 23.88 -19.47
C ARG B 88 20.51 23.61 -19.88
N GLU B 89 19.77 24.69 -20.20
CA GLU B 89 18.49 24.71 -20.92
C GLU B 89 18.37 23.64 -22.05
N LYS B 90 19.32 23.64 -23.00
CA LYS B 90 19.42 22.64 -24.10
C LYS B 90 19.68 21.19 -23.69
N GLU B 91 20.68 20.98 -22.84
CA GLU B 91 21.05 19.65 -22.33
C GLU B 91 19.86 18.89 -21.72
N ALA B 92 19.08 19.59 -20.90
CA ALA B 92 17.95 18.99 -20.16
C ALA B 92 16.70 18.72 -21.03
N ARG B 93 16.50 19.59 -22.01
CA ARG B 93 15.57 19.39 -23.14
C ARG B 93 15.94 18.17 -24.04
N LEU B 94 17.23 17.97 -24.31
CA LEU B 94 17.76 16.77 -25.01
C LEU B 94 17.51 15.49 -24.20
N GLU B 95 17.86 15.57 -22.92
CA GLU B 95 17.75 14.46 -21.96
C GLU B 95 16.32 13.91 -21.86
N ALA B 96 15.37 14.84 -21.82
CA ALA B 96 13.94 14.50 -21.86
C ALA B 96 13.51 13.77 -23.15
N LEU B 97 13.90 14.32 -24.31
CA LEU B 97 13.68 13.69 -25.64
C LEU B 97 14.30 12.29 -25.76
N LEU B 98 15.50 12.16 -25.20
CA LEU B 98 16.24 10.89 -25.26
C LEU B 98 15.61 9.78 -24.42
N LEU B 99 14.92 10.19 -23.35
CA LEU B 99 14.07 9.31 -22.52
C LEU B 99 12.82 8.76 -23.23
N GLN B 100 12.62 9.14 -24.48
CA GLN B 100 11.45 8.68 -25.24
C GLN B 100 11.74 7.76 -26.42
N VAL B 101 12.99 7.75 -26.85
CA VAL B 101 13.45 6.94 -27.99
C VAL B 101 13.08 5.46 -27.70
N PRO B 102 12.32 4.83 -28.59
CA PRO B 102 11.98 3.41 -28.50
C PRO B 102 13.10 2.50 -29.00
N LEU B 103 13.16 1.33 -28.37
CA LEU B 103 14.02 0.23 -28.81
C LEU B 103 13.36 -0.30 -30.10
N PRO B 104 14.13 -0.65 -31.13
CA PRO B 104 13.60 -1.40 -32.29
C PRO B 104 13.04 -2.79 -31.88
N PRO B 105 11.89 -3.19 -32.43
CA PRO B 105 11.31 -4.52 -32.16
C PRO B 105 12.00 -5.57 -33.01
N TRP B 106 11.87 -6.81 -32.57
CA TRP B 106 12.44 -7.94 -33.30
C TRP B 106 11.78 -8.05 -34.69
N PRO B 107 12.50 -8.57 -35.68
CA PRO B 107 12.03 -8.65 -37.08
C PRO B 107 10.68 -9.35 -37.31
N GLY B 108 10.36 -10.39 -36.53
CA GLY B 108 9.06 -11.10 -36.66
C GLY B 108 7.84 -10.44 -35.98
N ALA B 109 8.06 -9.33 -35.27
CA ALA B 109 6.96 -8.63 -34.56
C ALA B 109 5.87 -8.24 -35.56
N PRO B 110 4.61 -8.49 -35.24
CA PRO B 110 3.49 -8.06 -36.11
C PRO B 110 3.46 -6.53 -36.14
N VAL B 111 3.31 -5.98 -37.33
CA VAL B 111 3.29 -4.51 -37.51
C VAL B 111 1.82 -4.02 -37.55
N GLY B 112 1.58 -3.10 -36.63
CA GLY B 112 0.25 -2.54 -36.35
C GLY B 112 0.00 -2.52 -34.84
N GLY B 113 -1.22 -2.19 -34.46
CA GLY B 113 -1.63 -2.14 -33.04
C GLY B 113 -2.25 -3.47 -32.61
N GLU B 114 -3.03 -3.39 -31.53
CA GLU B 114 -3.77 -4.52 -30.90
C GLU B 114 -4.38 -5.52 -31.89
N GLU B 115 -4.99 -5.00 -32.96
CA GLU B 115 -5.56 -5.83 -34.06
C GLU B 115 -4.59 -6.74 -34.80
N ALA B 116 -3.32 -6.31 -34.83
CA ALA B 116 -2.26 -7.04 -35.53
C ALA B 116 -1.66 -8.21 -34.73
N ASN B 117 -2.06 -8.34 -33.45
CA ASN B 117 -1.54 -9.40 -32.56
C ASN B 117 -1.94 -10.78 -33.08
N ARG B 118 -1.04 -11.76 -32.93
CA ARG B 118 -1.13 -13.07 -33.58
C ARG B 118 -1.11 -14.23 -32.58
N GLU B 119 -2.12 -15.11 -32.63
CA GLU B 119 -2.20 -16.29 -31.77
C GLU B 119 -1.18 -17.31 -32.27
N ILE B 120 -0.28 -17.68 -31.34
CA ILE B 120 0.83 -18.67 -31.50
C ILE B 120 0.29 -20.10 -31.27
N LYS B 121 -0.18 -20.34 -30.05
CA LYS B 121 -0.78 -21.62 -29.68
C LYS B 121 -1.86 -21.46 -28.60
N ARG B 122 -2.67 -22.51 -28.50
CA ARG B 122 -3.78 -22.64 -27.56
C ARG B 122 -3.69 -24.00 -26.86
N VAL B 123 -3.73 -24.01 -25.55
CA VAL B 123 -3.63 -25.27 -24.79
C VAL B 123 -4.86 -25.30 -23.92
N GLY B 124 -5.75 -26.18 -24.30
CA GLY B 124 -6.99 -26.39 -23.53
C GLY B 124 -8.15 -25.65 -24.20
N GLY B 125 -9.27 -25.96 -23.61
CA GLY B 125 -10.56 -25.44 -24.08
C GLY B 125 -11.58 -24.97 -23.01
N PRO B 126 -12.56 -24.18 -23.48
CA PRO B 126 -13.71 -23.70 -22.68
C PRO B 126 -14.45 -24.93 -22.16
N PRO B 127 -14.71 -24.99 -20.85
CA PRO B 127 -15.32 -26.21 -20.26
C PRO B 127 -16.76 -26.39 -20.80
N GLU B 128 -17.21 -27.64 -20.86
CA GLU B 128 -18.57 -27.96 -21.40
C GLU B 128 -19.52 -28.29 -20.24
N PHE B 129 -20.40 -27.36 -19.93
CA PHE B 129 -21.19 -27.38 -18.67
C PHE B 129 -22.54 -28.10 -18.82
N SER B 130 -22.83 -28.99 -17.89
CA SER B 130 -24.14 -29.69 -17.80
C SER B 130 -25.28 -28.88 -17.15
N PHE B 131 -25.15 -27.56 -17.19
CA PHE B 131 -25.98 -26.54 -16.52
C PHE B 131 -25.47 -25.19 -17.01
N PRO B 132 -26.27 -24.15 -16.98
CA PRO B 132 -25.84 -22.85 -17.50
C PRO B 132 -24.91 -22.17 -16.47
N PRO B 133 -23.70 -21.79 -16.89
CA PRO B 133 -22.69 -21.21 -16.00
C PRO B 133 -23.09 -19.84 -15.44
N LEU B 134 -22.62 -19.57 -14.23
CA LEU B 134 -22.66 -18.22 -13.65
C LEU B 134 -21.32 -17.52 -13.89
N ASP B 135 -21.40 -16.19 -13.95
CA ASP B 135 -20.20 -15.34 -14.01
C ASP B 135 -19.52 -15.25 -12.61
N HIS B 136 -18.36 -14.60 -12.50
CA HIS B 136 -17.62 -14.55 -11.22
C HIS B 136 -18.27 -13.65 -10.16
N VAL B 137 -18.86 -12.53 -10.58
CA VAL B 137 -19.63 -11.63 -9.69
C VAL B 137 -20.83 -12.34 -9.02
N ALA B 138 -21.59 -13.10 -9.81
CA ALA B 138 -22.76 -13.87 -9.33
C ALA B 138 -22.38 -15.01 -8.40
N LEU B 139 -21.24 -15.63 -8.66
CA LEU B 139 -20.63 -16.65 -7.77
C LEU B 139 -20.24 -16.07 -6.41
N MET B 140 -19.68 -14.86 -6.41
CA MET B 140 -19.29 -14.15 -5.18
C MET B 140 -20.46 -13.77 -4.28
N GLU B 141 -21.45 -13.13 -4.94
CA GLU B 141 -22.78 -12.73 -4.44
C GLU B 141 -23.56 -13.87 -3.78
N LYS B 142 -23.72 -14.94 -4.53
CA LYS B 142 -24.36 -16.17 -4.06
C LYS B 142 -23.70 -16.78 -2.81
N ASN B 143 -22.37 -16.87 -2.84
CA ASN B 143 -21.62 -17.60 -1.80
C ASN B 143 -21.10 -16.74 -0.64
N GLY B 144 -21.29 -15.43 -0.75
CA GLY B 144 -20.96 -14.45 0.31
C GLY B 144 -19.45 -14.27 0.43
N TRP B 145 -18.81 -14.21 -0.73
CA TRP B 145 -17.33 -14.27 -0.89
C TRP B 145 -16.65 -12.92 -1.10
N TRP B 146 -17.45 -11.88 -1.28
CA TRP B 146 -16.91 -10.53 -1.24
C TRP B 146 -17.84 -9.61 -0.45
N GLU B 147 -17.33 -8.43 -0.19
CA GLU B 147 -17.98 -7.39 0.62
C GLU B 147 -18.23 -6.11 -0.22
N PRO B 148 -19.46 -5.93 -0.75
CA PRO B 148 -19.85 -4.73 -1.53
C PRO B 148 -19.80 -3.38 -0.77
N ARG B 149 -19.92 -3.39 0.57
CA ARG B 149 -19.74 -2.19 1.42
C ARG B 149 -18.37 -1.49 1.29
N ILE B 150 -17.39 -2.19 0.74
CA ILE B 150 -16.03 -1.64 0.56
C ILE B 150 -16.03 -0.38 -0.31
N SER B 151 -17.05 -0.33 -1.14
CA SER B 151 -17.25 0.76 -2.09
C SER B 151 -17.55 2.08 -1.39
N GLN B 152 -18.20 2.00 -0.24
CA GLN B 152 -18.55 3.23 0.48
C GLN B 152 -17.30 3.74 1.22
N VAL B 153 -16.44 2.80 1.67
CA VAL B 153 -15.23 3.06 2.48
C VAL B 153 -14.06 3.63 1.65
N SER B 154 -13.74 2.90 0.58
CA SER B 154 -12.47 3.03 -0.18
C SER B 154 -12.65 3.65 -1.56
N GLY B 155 -13.84 3.39 -2.07
CA GLY B 155 -14.32 3.96 -3.32
C GLY B 155 -14.49 2.83 -4.34
N SER B 156 -14.74 3.34 -5.53
CA SER B 156 -14.87 2.56 -6.77
C SER B 156 -13.56 1.79 -7.07
N ARG B 157 -13.68 0.72 -7.86
CA ARG B 157 -12.52 -0.01 -8.37
C ARG B 157 -11.69 -0.54 -7.18
N SER B 158 -12.42 -1.17 -6.27
CA SER B 158 -11.92 -1.68 -4.99
C SER B 158 -12.67 -2.98 -4.63
N TYR B 159 -11.98 -3.87 -3.93
CA TYR B 159 -12.51 -5.20 -3.58
C TYR B 159 -12.02 -5.63 -2.20
N ALA B 160 -12.85 -6.41 -1.54
CA ALA B 160 -12.63 -7.07 -0.25
C ALA B 160 -13.26 -8.45 -0.37
N LEU B 161 -12.44 -9.47 -0.11
CA LEU B 161 -12.84 -10.89 -0.19
C LEU B 161 -13.10 -11.41 1.22
N LYS B 162 -13.76 -12.54 1.35
CA LYS B 162 -14.34 -12.97 2.63
C LYS B 162 -14.53 -14.47 2.66
N GLY B 163 -14.40 -15.04 3.83
CA GLY B 163 -14.52 -16.50 4.00
C GLY B 163 -13.42 -17.20 3.18
N ASP B 164 -13.76 -18.35 2.61
CA ASP B 164 -12.81 -19.25 1.90
C ASP B 164 -12.11 -18.62 0.71
N LEU B 165 -12.73 -17.62 0.11
CA LEU B 165 -12.10 -16.91 -0.99
C LEU B 165 -10.99 -15.90 -0.57
N ALA B 166 -11.00 -15.49 0.69
CA ALA B 166 -9.97 -14.62 1.27
C ALA B 166 -8.70 -15.45 1.49
N LEU B 167 -8.88 -16.61 2.12
CA LEU B 167 -7.88 -17.67 2.24
C LEU B 167 -7.32 -18.17 0.90
N TYR B 168 -8.17 -18.34 -0.10
CA TYR B 168 -7.76 -18.78 -1.44
C TYR B 168 -6.87 -17.76 -2.15
N GLU B 169 -7.12 -16.47 -1.97
CA GLU B 169 -6.20 -15.43 -2.47
C GLU B 169 -4.77 -15.60 -1.89
N LEU B 170 -4.66 -15.83 -0.59
CA LEU B 170 -3.38 -16.01 0.11
C LEU B 170 -2.69 -17.32 -0.28
N ALA B 171 -3.43 -18.41 -0.39
CA ALA B 171 -2.95 -19.71 -0.89
C ALA B 171 -2.28 -19.64 -2.27
N LEU B 172 -2.85 -18.87 -3.19
CA LEU B 172 -2.36 -18.65 -4.57
C LEU B 172 -1.02 -17.91 -4.66
N LEU B 173 -0.81 -16.94 -3.78
CA LEU B 173 0.41 -16.15 -3.72
C LEU B 173 1.58 -16.93 -3.07
N ARG B 174 1.24 -17.78 -2.11
CA ARG B 174 2.20 -18.69 -1.51
C ARG B 174 2.63 -19.76 -2.50
N PHE B 175 1.65 -20.40 -3.12
CA PHE B 175 1.87 -21.36 -4.23
C PHE B 175 2.81 -20.84 -5.35
N ALA B 176 2.55 -19.66 -5.89
CA ALA B 176 3.41 -19.00 -6.89
C ALA B 176 4.86 -18.79 -6.41
N MET B 177 5.06 -18.40 -5.15
CA MET B 177 6.40 -18.22 -4.54
C MET B 177 7.18 -19.54 -4.36
N ASP B 178 6.51 -20.58 -3.85
CA ASP B 178 7.09 -21.92 -3.76
C ASP B 178 7.43 -22.51 -5.12
N PHE B 179 6.50 -22.38 -6.08
CA PHE B 179 6.77 -22.83 -7.47
C PHE B 179 8.04 -22.16 -8.03
N MET B 180 8.12 -20.83 -7.95
CA MET B 180 9.29 -20.04 -8.36
C MET B 180 10.61 -20.44 -7.68
N ALA B 181 10.59 -20.59 -6.35
CA ALA B 181 11.76 -21.03 -5.59
C ALA B 181 12.28 -22.40 -6.06
N ARG B 182 11.39 -23.34 -6.38
CA ARG B 182 11.71 -24.68 -6.91
C ARG B 182 12.17 -24.74 -8.39
N ARG B 183 12.14 -23.57 -9.03
CA ARG B 183 12.55 -23.34 -10.42
C ARG B 183 13.89 -22.57 -10.53
N GLY B 184 14.51 -22.37 -9.37
CA GLY B 184 15.79 -21.65 -9.18
C GLY B 184 15.73 -20.12 -9.09
N PHE B 185 14.55 -19.55 -8.95
CA PHE B 185 14.44 -18.09 -8.75
C PHE B 185 14.53 -17.76 -7.25
N LEU B 186 15.13 -16.62 -6.95
CA LEU B 186 15.37 -16.15 -5.58
C LEU B 186 14.13 -15.42 -5.04
N PRO B 187 13.38 -16.01 -4.09
CA PRO B 187 12.13 -15.44 -3.60
C PRO B 187 12.45 -14.27 -2.70
N MET B 188 11.88 -13.14 -3.07
CA MET B 188 11.90 -11.91 -2.25
C MET B 188 10.49 -11.37 -1.99
N THR B 189 10.34 -10.75 -0.84
CA THR B 189 9.15 -9.94 -0.45
C THR B 189 9.63 -8.49 -0.33
N LEU B 190 8.93 -7.61 -1.02
CA LEU B 190 9.38 -6.23 -1.31
C LEU B 190 8.36 -5.14 -0.90
N PRO B 191 8.82 -3.88 -0.77
CA PRO B 191 7.94 -2.74 -0.53
C PRO B 191 7.23 -2.35 -1.83
N SER B 192 6.19 -1.53 -1.72
CA SER B 192 5.34 -1.12 -2.88
C SER B 192 5.50 0.36 -3.23
N TYR B 193 6.58 0.95 -2.73
CA TYR B 193 6.92 2.37 -2.97
C TYR B 193 8.39 2.46 -3.39
N ALA B 194 8.69 3.52 -4.11
CA ALA B 194 10.02 3.78 -4.64
C ALA B 194 10.19 5.23 -5.05
N ARG B 195 11.45 5.67 -5.06
CA ARG B 195 11.82 6.98 -5.62
C ARG B 195 11.71 6.99 -7.16
N GLU B 196 11.50 8.19 -7.73
CA GLU B 196 11.30 8.43 -9.18
C GLU B 196 12.33 7.75 -10.11
N LYS B 197 13.56 7.77 -9.63
CA LYS B 197 14.75 7.19 -10.24
C LYS B 197 14.51 5.73 -10.64
N ALA B 198 13.91 4.96 -9.73
CA ALA B 198 13.52 3.58 -10.03
C ALA B 198 12.44 3.44 -11.13
N PHE B 199 11.58 4.45 -11.33
CA PHE B 199 10.56 4.47 -12.41
C PHE B 199 11.08 4.91 -13.77
N LEU B 200 12.00 5.89 -13.78
CA LEU B 200 12.83 6.17 -14.98
C LEU B 200 13.60 4.96 -15.46
N GLY B 201 14.20 4.23 -14.51
CA GLY B 201 14.96 2.99 -14.74
C GLY B 201 14.25 1.98 -15.66
N THR B 202 13.02 1.65 -15.31
CA THR B 202 12.19 0.65 -16.02
C THR B 202 11.49 1.20 -17.26
N GLY B 203 11.36 2.53 -17.30
CA GLY B 203 10.64 3.26 -18.37
C GLY B 203 9.15 3.43 -18.11
N HIS B 204 8.74 3.23 -16.86
CA HIS B 204 7.38 3.59 -16.45
C HIS B 204 7.24 5.12 -16.42
N PHE B 205 8.33 5.79 -16.07
CA PHE B 205 8.46 7.23 -16.34
C PHE B 205 9.36 7.40 -17.59
N PRO B 206 9.02 8.34 -18.48
CA PRO B 206 7.83 9.23 -18.43
C PRO B 206 6.50 8.68 -18.98
N ALA B 207 6.61 7.69 -19.86
CA ALA B 207 5.50 7.22 -20.70
C ALA B 207 4.23 6.72 -19.96
N TYR B 208 4.35 6.12 -18.79
CA TYR B 208 3.15 5.60 -18.09
C TYR B 208 2.98 6.26 -16.71
N ARG B 209 3.42 7.52 -16.62
CA ARG B 209 3.39 8.32 -15.38
C ARG B 209 1.99 8.49 -14.79
N ASP B 210 1.04 8.50 -15.71
CA ASP B 210 -0.38 8.69 -15.39
C ASP B 210 -1.02 7.47 -14.74
N GLN B 211 -0.40 6.31 -14.90
CA GLN B 211 -0.86 5.08 -14.24
C GLN B 211 -0.45 4.94 -12.75
N VAL B 212 0.30 5.91 -12.23
CA VAL B 212 0.99 5.75 -10.93
C VAL B 212 0.48 6.81 -9.94
N TRP B 213 0.30 6.32 -8.72
CA TRP B 213 -0.12 7.07 -7.54
C TRP B 213 1.06 7.55 -6.67
N ALA B 214 1.18 8.86 -6.57
CA ALA B 214 2.20 9.52 -5.75
C ALA B 214 1.84 9.58 -4.26
N ILE B 215 2.83 9.49 -3.37
CA ILE B 215 2.56 9.71 -1.93
C ILE B 215 2.82 11.18 -1.62
N ALA B 216 1.75 11.81 -1.16
CA ALA B 216 1.69 13.28 -0.99
C ALA B 216 2.65 13.70 0.09
N GLU B 217 3.34 14.79 -0.22
CA GLU B 217 4.39 15.42 0.64
C GLU B 217 5.70 14.59 0.78
N THR B 218 5.85 13.55 -0.05
CA THR B 218 7.11 12.77 -0.16
C THR B 218 7.60 12.87 -1.60
N ASP B 219 8.79 12.34 -1.76
CA ASP B 219 9.43 12.05 -3.06
C ASP B 219 9.22 10.57 -3.50
N LEU B 220 8.21 9.91 -2.92
CA LEU B 220 7.90 8.49 -3.19
C LEU B 220 6.63 8.35 -4.03
N TYR B 221 6.61 7.25 -4.75
CA TYR B 221 5.49 6.83 -5.60
C TYR B 221 5.18 5.39 -5.29
N LEU B 222 3.90 5.05 -5.39
CA LEU B 222 3.48 3.63 -5.26
C LEU B 222 3.68 2.92 -6.61
N THR B 223 4.16 1.68 -6.54
CA THR B 223 4.54 0.90 -7.73
C THR B 223 3.39 0.00 -8.19
N GLY B 224 3.31 -0.13 -9.51
CA GLY B 224 2.36 -1.01 -10.23
C GLY B 224 2.82 -2.47 -10.38
N THR B 225 4.10 -2.66 -10.11
CA THR B 225 4.81 -3.95 -10.25
C THR B 225 6.13 -3.98 -9.47
N ALA B 226 6.41 -5.12 -8.86
CA ALA B 226 7.73 -5.41 -8.22
C ALA B 226 8.96 -5.23 -9.14
N GLU B 227 8.71 -5.24 -10.45
CA GLU B 227 9.72 -4.95 -11.49
C GLU B 227 10.43 -3.60 -11.28
N VAL B 228 9.70 -2.59 -10.82
CA VAL B 228 10.34 -1.31 -10.50
C VAL B 228 11.47 -1.45 -9.46
N VAL B 229 11.21 -2.19 -8.39
CA VAL B 229 12.17 -2.40 -7.29
C VAL B 229 13.32 -3.34 -7.73
N LEU B 230 12.95 -4.52 -8.20
CA LEU B 230 13.87 -5.56 -8.66
C LEU B 230 14.89 -4.99 -9.65
N ASN B 231 14.46 -4.12 -10.54
CA ASN B 231 15.33 -3.54 -11.59
C ASN B 231 16.34 -2.51 -11.09
N ALA B 232 16.06 -1.92 -9.93
CA ALA B 232 16.89 -0.82 -9.41
C ALA B 232 17.82 -1.24 -8.27
N LEU B 233 17.70 -2.49 -7.81
CA LEU B 233 18.52 -2.96 -6.67
C LEU B 233 20.02 -2.86 -7.00
N HIS B 234 20.36 -3.19 -8.25
CA HIS B 234 21.76 -3.31 -8.75
C HIS B 234 22.23 -2.09 -9.54
N SER B 235 21.48 -1.02 -9.45
CA SER B 235 21.82 0.20 -10.18
C SER B 235 23.14 0.77 -9.61
N GLY B 236 24.05 0.97 -10.55
CA GLY B 236 25.39 1.50 -10.27
C GLY B 236 26.48 0.43 -9.95
N GLU B 237 26.10 -0.84 -9.76
CA GLU B 237 27.07 -1.95 -9.59
C GLU B 237 27.46 -2.51 -10.96
N ILE B 238 28.68 -3.07 -10.93
CA ILE B 238 29.28 -3.88 -12.01
C ILE B 238 29.29 -5.30 -11.46
N LEU B 239 28.29 -6.05 -11.92
CA LEU B 239 28.11 -7.45 -11.47
C LEU B 239 29.22 -8.34 -12.03
N PRO B 240 29.75 -9.30 -11.25
CA PRO B 240 30.62 -10.30 -11.82
C PRO B 240 29.85 -11.13 -12.85
N TYR B 241 30.62 -11.55 -13.84
CA TYR B 241 30.13 -12.42 -14.91
C TYR B 241 29.55 -13.72 -14.37
N GLU B 242 30.15 -14.25 -13.33
CA GLU B 242 29.66 -15.50 -12.71
C GLU B 242 28.37 -15.39 -11.88
N ALA B 243 27.87 -14.17 -11.61
CA ALA B 243 26.56 -13.95 -10.93
C ALA B 243 25.34 -14.31 -11.82
N LEU B 244 25.55 -14.14 -13.12
CA LEU B 244 24.62 -14.17 -14.24
C LEU B 244 24.18 -15.59 -14.67
N PRO B 245 22.90 -15.79 -15.01
CA PRO B 245 21.84 -14.78 -14.92
C PRO B 245 21.35 -14.67 -13.49
N LEU B 246 20.90 -13.48 -13.19
CA LEU B 246 20.22 -13.14 -11.92
C LEU B 246 18.72 -13.39 -12.17
N ARG B 247 18.20 -14.32 -11.40
CA ARG B 247 16.80 -14.76 -11.37
C ARG B 247 16.09 -14.42 -10.04
N TYR B 248 15.20 -13.44 -10.11
CA TYR B 248 14.41 -12.92 -8.96
C TYR B 248 12.89 -13.12 -9.10
N ALA B 249 12.28 -13.71 -8.07
CA ALA B 249 10.81 -13.85 -7.94
C ALA B 249 10.40 -12.93 -6.80
N GLY B 250 9.92 -11.76 -7.20
CA GLY B 250 9.57 -10.70 -6.24
C GLY B 250 8.06 -10.60 -6.03
N TYR B 251 7.66 -10.68 -4.76
CA TYR B 251 6.29 -10.41 -4.26
C TYR B 251 6.21 -9.01 -3.64
N ALA B 252 5.16 -8.29 -4.05
CA ALA B 252 4.79 -6.98 -3.46
C ALA B 252 3.32 -6.66 -3.75
N PRO B 253 2.59 -6.00 -2.85
CA PRO B 253 1.33 -5.32 -3.21
C PRO B 253 1.62 -4.33 -4.33
N ALA B 254 0.64 -4.16 -5.21
CA ALA B 254 0.74 -3.24 -6.35
C ALA B 254 -0.47 -2.30 -6.39
N PHE B 255 -0.22 -1.15 -7.00
CA PHE B 255 -1.20 -0.07 -7.08
C PHE B 255 -1.21 0.51 -8.49
N ARG B 256 -2.42 0.70 -8.99
CA ARG B 256 -2.65 1.45 -10.24
C ARG B 256 -3.66 2.58 -10.04
N SER B 257 -3.38 3.70 -10.70
CA SER B 257 -4.23 4.89 -10.62
C SER B 257 -5.59 4.76 -11.33
N GLU B 258 -5.62 4.13 -12.50
CA GLU B 258 -6.81 4.10 -13.38
C GLU B 258 -6.62 3.10 -14.52
N ALA B 259 -7.70 2.90 -15.26
CA ALA B 259 -7.66 2.99 -16.74
C ALA B 259 -9.04 3.45 -17.23
N GLY B 260 -8.99 4.45 -18.14
CA GLY B 260 -10.16 4.97 -18.89
C GLY B 260 -11.26 3.87 -18.99
N SER B 261 -12.36 4.17 -18.28
CA SER B 261 -13.43 3.22 -17.89
C SER B 261 -13.57 1.95 -18.74
N PHE B 262 -13.45 0.86 -17.97
CA PHE B 262 -13.08 -0.50 -18.42
C PHE B 262 -13.76 -1.11 -19.65
N GLY B 263 -12.89 -1.91 -20.27
CA GLY B 263 -13.22 -2.74 -21.45
C GLY B 263 -14.16 -3.94 -21.18
N LYS B 264 -15.27 -3.67 -20.47
CA LYS B 264 -16.40 -4.56 -20.07
C LYS B 264 -16.87 -4.11 -18.67
N ASP B 265 -17.47 -2.92 -18.71
CA ASP B 265 -17.21 -1.84 -17.73
C ASP B 265 -16.85 -2.08 -16.24
N VAL B 266 -16.02 -1.14 -15.80
CA VAL B 266 -15.31 -1.04 -14.49
C VAL B 266 -14.74 -2.33 -13.88
N ARG B 267 -15.62 -3.30 -13.61
CA ARG B 267 -15.34 -4.20 -12.48
C ARG B 267 -15.55 -5.73 -12.61
N GLY B 268 -16.05 -6.28 -11.51
CA GLY B 268 -15.56 -7.48 -10.82
C GLY B 268 -14.15 -7.26 -10.22
N LEU B 269 -13.44 -8.37 -10.19
CA LEU B 269 -12.02 -8.49 -9.85
C LEU B 269 -11.05 -8.10 -11.00
N MET B 270 -11.56 -7.85 -12.19
CA MET B 270 -10.79 -7.56 -13.42
C MET B 270 -9.87 -6.32 -13.40
N ARG B 271 -10.39 -5.17 -13.02
CA ARG B 271 -9.60 -3.92 -12.93
C ARG B 271 -10.02 -3.21 -11.62
N VAL B 272 -9.02 -3.25 -10.70
CA VAL B 272 -9.02 -2.74 -9.31
C VAL B 272 -7.77 -1.90 -9.02
N HIS B 273 -7.84 -0.95 -8.10
CA HIS B 273 -6.70 -0.10 -7.73
C HIS B 273 -5.47 -0.78 -7.08
N GLN B 274 -5.78 -1.70 -6.19
CA GLN B 274 -4.80 -2.38 -5.35
C GLN B 274 -4.94 -3.89 -5.56
N PHE B 275 -3.80 -4.53 -5.74
CA PHE B 275 -3.72 -5.98 -6.02
C PHE B 275 -2.41 -6.58 -5.51
N HIS B 276 -2.28 -7.89 -5.62
CA HIS B 276 -1.07 -8.61 -5.22
C HIS B 276 -0.47 -9.29 -6.45
N LYS B 277 0.83 -9.17 -6.65
CA LYS B 277 1.52 -9.74 -7.85
C LYS B 277 2.90 -10.30 -7.46
N VAL B 278 3.16 -11.53 -7.87
CA VAL B 278 4.50 -12.18 -7.88
C VAL B 278 5.08 -12.11 -9.32
N GLU B 279 6.10 -11.29 -9.47
CA GLU B 279 6.84 -11.12 -10.74
C GLU B 279 8.13 -11.97 -10.88
N GLN B 280 8.51 -12.29 -12.12
CA GLN B 280 9.77 -12.99 -12.46
C GLN B 280 10.68 -11.96 -13.13
N TYR B 281 11.88 -11.80 -12.60
CA TYR B 281 12.85 -10.85 -13.20
C TYR B 281 14.22 -11.50 -13.47
N VAL B 282 14.67 -11.21 -14.68
CA VAL B 282 15.93 -11.76 -15.20
C VAL B 282 16.83 -10.65 -15.75
N LEU B 283 18.03 -10.69 -15.19
CA LEU B 283 19.20 -9.83 -15.52
C LEU B 283 20.26 -10.80 -16.07
N THR B 284 20.46 -10.71 -17.38
CA THR B 284 21.43 -11.61 -18.05
C THR B 284 22.54 -10.89 -18.84
N GLU B 285 23.32 -11.65 -19.59
CA GLU B 285 24.41 -11.07 -20.42
C GLU B 285 23.94 -10.51 -21.76
N ALA B 286 24.73 -9.58 -22.28
CA ALA B 286 24.43 -8.84 -23.51
C ALA B 286 24.67 -9.65 -24.79
N SER B 287 23.99 -10.80 -24.82
CA SER B 287 23.78 -11.61 -26.03
C SER B 287 22.31 -12.00 -26.20
N LEU B 288 21.93 -12.01 -27.47
CA LEU B 288 20.62 -12.45 -27.99
C LEU B 288 20.24 -13.90 -27.69
N GLU B 289 21.21 -14.79 -27.79
CA GLU B 289 21.03 -16.20 -27.41
C GLU B 289 20.69 -16.41 -25.90
N ALA B 290 21.27 -15.59 -25.02
CA ALA B 290 21.01 -15.63 -23.56
C ALA B 290 19.64 -14.99 -23.21
N SER B 291 19.32 -13.88 -23.86
CA SER B 291 17.97 -13.31 -23.88
C SER B 291 16.87 -14.25 -24.40
N ASP B 292 17.08 -14.89 -25.56
CA ASP B 292 16.20 -15.96 -26.09
C ASP B 292 16.01 -17.18 -25.18
N ARG B 293 17.08 -17.68 -24.58
CA ARG B 293 16.96 -18.77 -23.58
C ARG B 293 16.11 -18.35 -22.34
N ALA B 294 16.35 -17.13 -21.84
CA ALA B 294 15.65 -16.59 -20.68
C ALA B 294 14.15 -16.34 -20.95
N PHE B 295 13.87 -15.77 -22.12
CA PHE B 295 12.51 -15.58 -22.62
C PHE B 295 11.73 -16.89 -22.65
N GLN B 296 12.31 -17.94 -23.22
CA GLN B 296 11.64 -19.24 -23.24
C GLN B 296 11.44 -19.84 -21.83
N GLU B 297 12.35 -19.60 -20.88
CA GLU B 297 12.17 -20.07 -19.49
C GLU B 297 11.02 -19.36 -18.73
N LEU B 298 11.01 -18.04 -18.81
CA LEU B 298 9.97 -17.20 -18.18
C LEU B 298 8.57 -17.58 -18.69
N LEU B 299 8.48 -17.86 -19.97
CA LEU B 299 7.23 -18.24 -20.64
C LEU B 299 6.72 -19.59 -20.20
N GLU B 300 7.65 -20.52 -20.12
CA GLU B 300 7.32 -21.89 -19.71
C GLU B 300 6.91 -22.00 -18.26
N ASN B 301 7.50 -21.15 -17.42
CA ASN B 301 7.11 -21.01 -16.00
C ASN B 301 5.64 -20.59 -15.78
N ALA B 302 5.24 -19.53 -16.46
CA ALA B 302 3.85 -19.07 -16.54
C ALA B 302 2.92 -20.16 -17.12
N GLU B 303 3.28 -20.78 -18.25
CA GLU B 303 2.53 -21.94 -18.79
C GLU B 303 2.31 -23.07 -17.78
N GLU B 304 3.37 -23.41 -17.07
CA GLU B 304 3.34 -24.42 -16.01
C GLU B 304 2.44 -24.09 -14.80
N ILE B 305 2.41 -22.82 -14.39
CA ILE B 305 1.51 -22.33 -13.32
C ILE B 305 0.04 -22.52 -13.78
N LEU B 306 -0.28 -22.10 -15.01
CA LEU B 306 -1.62 -22.28 -15.61
C LEU B 306 -2.05 -23.74 -15.77
N ARG B 307 -1.12 -24.61 -16.13
CA ARG B 307 -1.41 -26.07 -16.16
C ARG B 307 -1.72 -26.65 -14.78
N LEU B 308 -0.97 -26.24 -13.77
CA LEU B 308 -1.20 -26.66 -12.38
C LEU B 308 -2.53 -26.12 -11.80
N LEU B 309 -2.87 -24.92 -12.19
CA LEU B 309 -4.12 -24.23 -11.91
C LEU B 309 -5.33 -24.79 -12.69
N GLU B 310 -5.07 -25.53 -13.78
CA GLU B 310 -6.04 -26.24 -14.67
C GLU B 310 -6.91 -25.28 -15.48
N LEU B 311 -6.22 -24.29 -16.02
CA LEU B 311 -6.85 -23.23 -16.79
C LEU B 311 -6.61 -23.37 -18.32
N PRO B 312 -7.59 -23.05 -19.17
CA PRO B 312 -7.41 -22.99 -20.61
C PRO B 312 -6.68 -21.69 -20.96
N TYR B 313 -5.62 -21.75 -21.73
CA TYR B 313 -4.91 -20.54 -22.17
C TYR B 313 -4.51 -20.54 -23.64
N ARG B 314 -4.01 -19.39 -24.06
CA ARG B 314 -3.36 -19.26 -25.35
C ARG B 314 -2.24 -18.25 -25.29
N LEU B 315 -1.26 -18.43 -26.15
CA LEU B 315 -0.17 -17.45 -26.29
C LEU B 315 -0.40 -16.59 -27.53
N VAL B 316 -0.06 -15.33 -27.39
CA VAL B 316 -0.28 -14.31 -28.42
C VAL B 316 1.02 -13.49 -28.58
N GLU B 317 1.42 -13.30 -29.81
CA GLU B 317 2.57 -12.48 -30.17
C GLU B 317 2.06 -11.05 -30.28
N VAL B 318 2.60 -10.15 -29.46
CA VAL B 318 2.17 -8.74 -29.39
C VAL B 318 2.83 -7.87 -30.47
N ALA B 319 1.95 -7.09 -31.10
CA ALA B 319 2.33 -6.20 -32.22
C ALA B 319 3.08 -4.94 -31.77
N THR B 320 3.76 -4.35 -32.75
CA THR B 320 4.66 -3.20 -32.55
C THR B 320 4.02 -1.99 -31.85
N GLY B 321 2.75 -1.72 -32.14
CA GLY B 321 1.98 -0.61 -31.54
C GLY B 321 1.45 -0.85 -30.11
N ASP B 322 1.52 -2.11 -29.69
CA ASP B 322 0.96 -2.62 -28.42
C ASP B 322 2.01 -3.01 -27.37
N MET B 323 3.24 -3.23 -27.83
CA MET B 323 4.42 -3.65 -27.04
C MET B 323 4.87 -2.68 -25.92
N GLY B 324 4.98 -1.39 -26.23
CA GLY B 324 5.73 -0.44 -25.40
C GLY B 324 7.02 0.06 -26.08
N PRO B 325 7.49 1.28 -25.77
CA PRO B 325 8.77 1.79 -26.33
C PRO B 325 10.03 0.94 -26.05
N GLY B 326 10.07 0.20 -24.96
CA GLY B 326 11.29 -0.50 -24.59
C GLY B 326 11.40 -1.98 -24.94
N LYS B 327 10.41 -2.52 -25.64
CA LYS B 327 10.37 -3.98 -25.88
C LYS B 327 10.98 -4.35 -27.23
N TRP B 328 11.64 -5.49 -27.23
CA TRP B 328 12.17 -6.13 -28.42
C TRP B 328 11.10 -7.12 -28.88
N ARG B 329 10.68 -7.96 -27.95
CA ARG B 329 9.62 -8.94 -28.15
C ARG B 329 8.74 -8.97 -26.90
N GLN B 330 7.45 -9.23 -27.14
CA GLN B 330 6.46 -9.46 -26.08
C GLN B 330 5.45 -10.55 -26.51
N VAL B 331 5.30 -11.57 -25.68
CA VAL B 331 4.26 -12.61 -25.85
C VAL B 331 3.32 -12.49 -24.64
N ASP B 332 2.02 -12.39 -24.92
CA ASP B 332 1.03 -12.42 -23.83
C ASP B 332 0.41 -13.81 -23.72
N ILE B 333 0.18 -14.22 -22.49
CA ILE B 333 -0.65 -15.39 -22.15
C ILE B 333 -2.05 -14.90 -21.71
N GLU B 334 -3.05 -15.47 -22.32
CA GLU B 334 -4.46 -15.09 -22.10
C GLU B 334 -5.20 -16.32 -21.67
N VAL B 335 -6.08 -16.16 -20.68
CA VAL B 335 -6.95 -17.25 -20.15
C VAL B 335 -8.42 -17.06 -20.57
N TYR B 336 -9.08 -18.18 -20.80
CA TYR B 336 -10.50 -18.16 -21.20
C TYR B 336 -11.42 -17.83 -20.00
N LEU B 337 -12.18 -16.77 -20.24
CA LEU B 337 -13.23 -16.31 -19.31
C LEU B 337 -14.58 -16.67 -19.93
N PRO B 338 -15.22 -17.81 -19.55
CA PRO B 338 -16.50 -18.30 -20.13
C PRO B 338 -17.65 -17.26 -20.24
N SER B 339 -17.95 -16.53 -19.17
CA SER B 339 -19.00 -15.48 -19.15
C SER B 339 -18.88 -14.43 -20.24
N GLU B 340 -17.68 -14.16 -20.69
CA GLU B 340 -17.48 -13.13 -21.71
C GLU B 340 -17.09 -13.71 -23.09
N GLY B 341 -17.14 -15.04 -23.21
CA GLY B 341 -16.77 -15.84 -24.40
C GLY B 341 -15.42 -15.50 -25.04
N ARG B 342 -14.46 -15.17 -24.20
CA ARG B 342 -13.31 -14.34 -24.60
C ARG B 342 -12.10 -14.78 -23.79
N TYR B 343 -10.92 -14.61 -24.40
CA TYR B 343 -9.62 -14.74 -23.73
C TYR B 343 -9.22 -13.38 -23.19
N ARG B 344 -8.72 -13.48 -21.98
CA ARG B 344 -8.33 -12.31 -21.19
C ARG B 344 -6.92 -12.46 -20.64
N GLU B 345 -6.14 -11.43 -20.91
CA GLU B 345 -4.73 -11.31 -20.54
C GLU B 345 -4.47 -11.56 -19.06
N THR B 346 -3.57 -12.49 -18.78
CA THR B 346 -3.14 -12.72 -17.39
C THR B 346 -1.62 -12.58 -17.14
N HIS B 347 -0.84 -12.71 -18.20
CA HIS B 347 0.62 -12.66 -18.14
C HIS B 347 1.15 -11.95 -19.38
N SER B 348 2.29 -11.31 -19.21
CA SER B 348 2.94 -10.53 -20.27
C SER B 348 4.48 -10.59 -20.10
N CYS B 349 5.06 -11.30 -21.07
CA CYS B 349 6.47 -11.73 -21.13
C CYS B 349 7.27 -10.87 -22.10
N SER B 350 8.20 -10.12 -21.53
CA SER B 350 8.91 -9.07 -22.27
C SER B 350 10.42 -9.22 -22.23
N ALA B 351 11.04 -8.93 -23.38
CA ALA B 351 12.51 -8.86 -23.52
C ALA B 351 12.85 -7.44 -23.94
N LEU B 352 13.65 -6.80 -23.09
CA LEU B 352 13.98 -5.39 -23.30
C LEU B 352 15.44 -5.08 -23.74
N LEU B 353 16.26 -6.13 -23.96
CA LEU B 353 17.67 -5.99 -24.37
C LEU B 353 18.39 -5.09 -23.36
N ASP B 354 18.98 -4.00 -23.80
CA ASP B 354 19.63 -3.07 -22.85
C ASP B 354 18.97 -1.70 -22.71
N TRP B 355 17.67 -1.64 -23.01
CA TRP B 355 16.96 -0.37 -22.91
C TRP B 355 16.77 0.11 -21.47
N GLN B 356 16.52 -0.80 -20.53
CA GLN B 356 16.37 -0.50 -19.08
C GLN B 356 17.74 -0.39 -18.39
N ALA B 357 18.69 -1.25 -18.77
CA ALA B 357 20.09 -1.26 -18.26
C ALA B 357 20.86 0.03 -18.55
N ARG B 358 20.62 0.65 -19.71
CA ARG B 358 21.16 2.00 -20.02
C ARG B 358 20.53 3.12 -19.20
N ARG B 359 19.28 2.93 -18.80
CA ARG B 359 18.65 3.96 -17.96
C ARG B 359 18.81 3.72 -16.45
N ALA B 360 18.82 2.47 -16.01
CA ALA B 360 19.02 2.13 -14.59
C ALA B 360 20.48 1.86 -14.22
N ASN B 361 21.37 1.96 -15.19
CA ASN B 361 22.82 1.75 -15.03
C ASN B 361 23.18 0.38 -14.44
N LEU B 362 22.83 -0.67 -15.19
CA LEU B 362 23.09 -2.05 -14.76
C LEU B 362 24.18 -2.59 -15.69
N ARG B 363 25.29 -3.00 -15.11
CA ARG B 363 26.45 -3.43 -15.89
C ARG B 363 27.11 -4.63 -15.28
N TYR B 364 27.79 -5.38 -16.14
CA TYR B 364 28.60 -6.53 -15.73
C TYR B 364 29.99 -6.50 -16.39
N ARG B 365 30.86 -7.32 -15.85
CA ARG B 365 32.21 -7.59 -16.38
C ARG B 365 32.16 -8.93 -17.11
N ASP B 366 32.28 -8.80 -18.42
CA ASP B 366 32.18 -9.96 -19.32
C ASP B 366 33.38 -10.92 -19.14
N PRO B 367 33.46 -12.06 -19.85
CA PRO B 367 34.59 -13.03 -19.73
C PRO B 367 36.00 -12.54 -20.17
N GLU B 368 36.03 -11.49 -20.98
CA GLU B 368 37.25 -10.79 -21.45
C GLU B 368 37.61 -9.53 -20.66
N GLY B 369 36.97 -9.36 -19.52
CA GLY B 369 37.16 -8.17 -18.67
C GLY B 369 36.69 -6.83 -19.25
N ARG B 370 35.76 -6.89 -20.20
CA ARG B 370 35.03 -5.69 -20.67
C ARG B 370 33.71 -5.51 -19.91
N VAL B 371 33.51 -4.28 -19.49
CA VAL B 371 32.30 -3.79 -18.80
C VAL B 371 31.20 -3.44 -19.81
N ARG B 372 30.10 -4.13 -19.64
CA ARG B 372 28.96 -4.01 -20.55
C ARG B 372 27.67 -3.74 -19.80
N TYR B 373 26.74 -3.21 -20.58
CA TYR B 373 25.31 -3.15 -20.22
C TYR B 373 24.62 -4.51 -20.37
N ALA B 374 23.98 -4.93 -19.28
CA ALA B 374 23.27 -6.21 -19.25
C ALA B 374 21.92 -6.14 -19.96
N TYR B 375 21.33 -7.31 -20.15
CA TYR B 375 19.99 -7.51 -20.76
C TYR B 375 18.98 -7.92 -19.69
N THR B 376 17.81 -7.29 -19.76
CA THR B 376 16.74 -7.53 -18.78
C THR B 376 15.46 -8.03 -19.47
N LEU B 377 14.84 -8.95 -18.75
CA LEU B 377 13.59 -9.61 -19.14
C LEU B 377 12.69 -9.68 -17.90
N ASN B 378 11.40 -9.78 -18.14
CA ASN B 378 10.43 -9.96 -17.06
C ASN B 378 9.16 -10.63 -17.58
N ASN B 379 8.46 -11.31 -16.71
CA ASN B 379 7.12 -11.86 -16.96
C ASN B 379 6.42 -11.94 -15.60
N THR B 380 5.10 -12.04 -15.63
CA THR B 380 4.33 -12.27 -14.40
C THR B 380 4.45 -13.76 -14.03
N ALA B 381 4.53 -14.04 -12.72
CA ALA B 381 4.27 -15.39 -12.20
C ALA B 381 2.76 -15.59 -11.89
N LEU B 382 2.18 -14.72 -11.06
CA LEU B 382 0.76 -14.74 -10.68
C LEU B 382 0.33 -13.42 -10.04
N ALA B 383 -0.71 -12.84 -10.55
CA ALA B 383 -1.34 -11.66 -9.93
C ALA B 383 -2.77 -11.97 -9.47
N THR B 384 -3.14 -11.54 -8.27
CA THR B 384 -4.54 -11.59 -7.76
C THR B 384 -5.11 -10.15 -7.66
N PRO B 385 -6.42 -9.90 -7.82
CA PRO B 385 -7.49 -10.89 -7.97
C PRO B 385 -7.92 -11.37 -9.38
N ARG B 386 -7.28 -10.87 -10.45
CA ARG B 386 -7.65 -11.21 -11.84
C ARG B 386 -7.77 -12.72 -12.14
N ILE B 387 -6.81 -13.57 -11.76
CA ILE B 387 -7.02 -15.03 -11.97
C ILE B 387 -8.20 -15.64 -11.18
N LEU B 388 -8.67 -14.97 -10.13
CA LEU B 388 -9.81 -15.48 -9.32
C LEU B 388 -11.11 -15.42 -10.13
N ALA B 389 -11.19 -14.47 -11.07
CA ALA B 389 -12.27 -14.38 -12.06
C ALA B 389 -12.35 -15.63 -12.95
N MET B 390 -11.19 -16.03 -13.45
CA MET B 390 -11.01 -17.25 -14.28
C MET B 390 -11.12 -18.58 -13.56
N LEU B 391 -10.48 -18.69 -12.41
CA LEU B 391 -10.65 -19.88 -11.57
C LEU B 391 -12.12 -20.15 -11.18
N LEU B 392 -12.83 -19.11 -10.75
CA LEU B 392 -14.21 -19.28 -10.29
C LEU B 392 -15.12 -19.77 -11.43
N GLU B 393 -15.05 -19.07 -12.55
CA GLU B 393 -15.85 -19.42 -13.74
C GLU B 393 -15.54 -20.77 -14.38
N ASN B 394 -14.26 -21.12 -14.53
CA ASN B 394 -13.84 -22.38 -15.16
C ASN B 394 -14.09 -23.61 -14.27
N HIS B 395 -14.10 -23.38 -12.95
CA HIS B 395 -14.15 -24.46 -11.91
C HIS B 395 -15.45 -24.55 -11.08
N GLN B 396 -16.46 -23.77 -11.45
CA GLN B 396 -17.79 -23.74 -10.79
C GLN B 396 -18.51 -25.08 -10.93
N LEU B 397 -19.09 -25.56 -9.84
CA LEU B 397 -19.91 -26.78 -9.83
C LEU B 397 -21.41 -26.44 -9.98
N GLN B 398 -22.28 -27.43 -10.26
CA GLN B 398 -23.75 -27.20 -10.41
C GLN B 398 -24.38 -26.35 -9.26
N ASP B 399 -23.95 -26.71 -8.06
CA ASP B 399 -24.16 -25.99 -6.77
C ASP B 399 -23.97 -24.48 -6.71
N GLY B 400 -22.99 -23.97 -7.48
CA GLY B 400 -22.47 -22.62 -7.26
C GLY B 400 -21.18 -22.64 -6.43
N ARG B 401 -20.89 -23.78 -5.79
CA ARG B 401 -19.59 -23.99 -5.16
C ARG B 401 -18.49 -24.17 -6.21
N VAL B 402 -17.23 -24.01 -5.80
CA VAL B 402 -16.06 -24.02 -6.71
C VAL B 402 -15.07 -25.10 -6.31
N ARG B 403 -14.58 -25.82 -7.33
CA ARG B 403 -13.52 -26.85 -7.17
C ARG B 403 -12.14 -26.19 -7.04
N VAL B 404 -11.30 -26.75 -6.18
CA VAL B 404 -9.89 -26.32 -6.14
C VAL B 404 -9.00 -27.31 -6.93
N PRO B 405 -8.21 -26.80 -7.89
CA PRO B 405 -7.31 -27.66 -8.65
C PRO B 405 -6.39 -28.37 -7.69
N GLN B 406 -6.28 -29.65 -7.92
CA GLN B 406 -5.32 -30.57 -7.28
C GLN B 406 -4.04 -30.03 -6.61
N ALA B 407 -3.19 -29.38 -7.38
CA ALA B 407 -1.95 -28.73 -6.86
C ALA B 407 -2.22 -27.73 -5.73
N LEU B 408 -3.42 -27.17 -5.71
CA LEU B 408 -3.80 -26.21 -4.67
C LEU B 408 -4.49 -26.78 -3.44
N ILE B 409 -4.83 -28.06 -3.46
CA ILE B 409 -5.48 -28.69 -2.30
C ILE B 409 -4.58 -28.65 -1.04
N PRO B 410 -3.27 -28.92 -1.09
CA PRO B 410 -2.39 -28.86 0.10
C PRO B 410 -2.32 -27.48 0.77
N TYR B 411 -2.26 -26.45 -0.07
CA TYR B 411 -2.37 -25.04 0.31
C TYR B 411 -3.73 -24.60 0.92
N MET B 412 -4.87 -25.14 0.46
CA MET B 412 -6.21 -24.78 1.00
C MET B 412 -6.64 -25.61 2.21
N GLY B 413 -6.35 -26.89 2.13
CA GLY B 413 -6.80 -27.88 3.13
C GLY B 413 -8.15 -28.53 2.79
N LYS B 414 -8.66 -28.15 1.64
CA LYS B 414 -9.93 -28.65 1.10
C LYS B 414 -9.93 -28.69 -0.43
N GLU B 415 -10.81 -29.56 -0.89
CA GLU B 415 -11.08 -29.81 -2.31
C GLU B 415 -12.14 -28.90 -2.96
N VAL B 416 -12.94 -28.23 -2.11
CA VAL B 416 -14.08 -27.39 -2.54
C VAL B 416 -14.20 -26.11 -1.68
N LEU B 417 -14.27 -24.97 -2.36
CA LEU B 417 -14.60 -23.70 -1.71
C LEU B 417 -16.07 -23.73 -1.31
N GLU B 418 -16.33 -23.29 -0.09
CA GLU B 418 -17.68 -23.34 0.54
C GLU B 418 -18.29 -21.93 0.71
N PRO B 419 -19.63 -21.82 0.68
CA PRO B 419 -20.34 -20.53 0.91
C PRO B 419 -20.19 -20.07 2.34
N CYS B 420 -20.15 -18.75 2.44
CA CYS B 420 -19.81 -18.10 3.71
C CYS B 420 -21.02 -17.40 4.31
N GLY B 421 -21.01 -16.09 4.14
CA GLY B 421 -21.64 -15.16 5.11
C GLY B 421 -22.56 -14.15 4.43
#